data_9GW5
#
_entry.id   9GW5
#
_cell.length_a   166.216
_cell.length_b   166.216
_cell.length_c   190.135
_cell.angle_alpha   90
_cell.angle_beta   90
_cell.angle_gamma   120
#
_symmetry.space_group_name_H-M   'P 65 2 2'
#
loop_
_entity.id
_entity.type
_entity.pdbx_description
1 polymer 'Interferon alpha-2'
2 polymer 'type-I interferons autoantibody pamb14 heavy chain'
3 polymer 'scFv type-I interferons autoantibody pamb03'
4 polymer 'scFv type-I interferons autoantibody pamb19'
#
loop_
_entity_poly.entity_id
_entity_poly.type
_entity_poly.pdbx_seq_one_letter_code
_entity_poly.pdbx_strand_id
1 'polypeptide(L)'
;CDLPQTHSLGSRRTLMLLAQMRRISLFSCLKDRHDFGFPQEEFGNQFQKAETIPVLHEMIQQIFNLFSTKDSSAAWDETL
LDKFYTELYQQLNDLEACVIQGVGVTETPLMKEDSILAVRKYFQRITLYLKEKKYSPCAWEVVRAEIMRSFSLSTNLQES
LRSKEGGGGSLVPRGSGGGSHHHHHHHH
;
A
2 'polypeptide(L)'
;RSEVQLVESGGGLVQPGGSLRLSCAASGFTFSSHAMSWVRQPPGKGLEWVSSISAAGGSTYYAASVKGRFTISRDNSNKT
LYLQMNSLRAEDTAIYYCAKESDRVTTLDWFDPWGQGTLVTVSSGTGGSGGGGSGGGGSGGGASDIQMTQSPSSLSASVG
DRVTITCRASQSISSYLNWYQQKPGQAPKLLIYAASSLQTGVPSRFSGSGSGTDFTLTISSLQPEDFATYYCQQSYITPL
TFGGGTKVEIKGPFEDDDDKAGWSHPQFEKGGGSGGGSGGGSWSHPQFEK
;
H
3 'polypeptide(L)'
;RSQVQLVQSGAEVKKPGASVKVSCKTSGYTFTSYDINWVRQATGQGLEWMGWMNPNTGNTGYAQKFQGRVAMTRSSSTRT
AYMELSSLTSEDTAVYYCARAGLTGAGLDDYWGQGTLVTVSSGTGGSGGGGSGGGGSGGGASDIQMTQSPSSLSASVGDR
VTITCQASQDIRKYLNWYQQKPGKAPKLLIYDASNLQTGVPSRFSGSGSGTDFTLTISRLQPEDIATYYCQQYGDLPLTF
GGGTKVGITGPFEDDDDKAGWSHPQFEKGGGSGGGSGGGSWSHPQFEK
;
U
4 'polypeptide(L)'
;RSQVQLVQSGAEVKKPGASVKVSCKASGYDFSRFSIHWVRQAPGQRLEWMGWLITGNGDAKYSQKFQGRVTISRNISAST
AYMEVTNLRSEDSAVYYCSRDPVAAGLWGQGTLVTVSSGTGGSGGGGSGGGGSGGGASEILLTQSPGTLSLSPGERATLS
CRASQFVSSTYLAWYQHKPGQAPRLLIYGASSRATGIPDRFSGSGSGTDFTLTINGLEPEDFAVYYCQQYGSSPRTFGQG
TKVEIKGPFEDDDDKAGWSHPQFEKGGGSGGGSGGGSWSHPQFEK
;
V
#
# COMPACT_ATOMS: atom_id res chain seq x y z
N LEU A 9 13.56 5.71 -14.30
CA LEU A 9 14.52 4.65 -14.58
C LEU A 9 14.83 3.82 -13.33
N GLY A 10 15.10 4.49 -12.22
CA GLY A 10 15.40 3.85 -10.93
C GLY A 10 14.21 3.08 -10.39
N SER A 11 13.01 3.64 -10.60
CA SER A 11 11.78 2.99 -10.18
C SER A 11 11.53 1.74 -11.02
N ARG A 12 11.87 1.77 -12.32
CA ARG A 12 11.74 0.63 -13.22
C ARG A 12 12.71 -0.50 -12.83
N ARG A 13 13.91 -0.14 -12.38
CA ARG A 13 14.91 -1.11 -11.96
C ARG A 13 14.49 -1.79 -10.66
N THR A 14 13.83 -1.05 -9.74
CA THR A 14 13.31 -1.61 -8.49
C THR A 14 12.24 -2.66 -8.80
N LEU A 15 11.30 -2.33 -9.69
CA LEU A 15 10.22 -3.24 -10.10
C LEU A 15 10.77 -4.44 -10.82
N MET A 16 11.83 -4.27 -11.62
CA MET A 16 12.48 -5.35 -12.34
C MET A 16 13.03 -6.39 -11.38
N LEU A 17 13.69 -5.93 -10.33
CA LEU A 17 14.26 -6.81 -9.33
C LEU A 17 13.16 -7.50 -8.51
N LEU A 18 12.10 -6.76 -8.13
CA LEU A 18 10.99 -7.32 -7.38
C LEU A 18 10.24 -8.38 -8.21
N ALA A 19 10.19 -8.19 -9.54
CA ALA A 19 9.57 -9.15 -10.46
C ALA A 19 10.43 -10.40 -10.59
N GLN A 20 11.76 -10.23 -10.60
CA GLN A 20 12.70 -11.35 -10.67
C GLN A 20 12.69 -12.18 -9.39
N MET A 21 12.38 -11.56 -8.24
CA MET A 21 12.30 -12.23 -6.94
C MET A 21 11.19 -13.28 -6.89
N ARG A 22 10.13 -13.12 -7.69
CA ARG A 22 8.98 -14.01 -7.77
C ARG A 22 9.34 -15.48 -7.85
N ARG A 23 8.82 -16.29 -6.92
CA ARG A 23 9.11 -17.71 -6.90
C ARG A 23 7.95 -18.50 -7.45
N ILE A 24 6.73 -18.27 -6.94
CA ILE A 24 5.54 -18.97 -7.39
C ILE A 24 4.57 -18.03 -8.13
N SER A 25 3.60 -18.59 -8.88
CA SER A 25 2.64 -17.75 -9.59
C SER A 25 1.51 -17.35 -8.67
N LEU A 26 1.03 -16.11 -8.85
CA LEU A 26 -0.12 -15.65 -8.09
C LEU A 26 -1.39 -16.45 -8.45
N PHE A 27 -1.44 -17.07 -9.64
CA PHE A 27 -2.54 -17.92 -10.06
C PHE A 27 -2.70 -19.12 -9.13
N SER A 28 -1.60 -19.60 -8.53
CA SER A 28 -1.68 -20.71 -7.57
C SER A 28 -2.14 -20.25 -6.18
N CYS A 29 -2.27 -18.94 -5.94
CA CYS A 29 -2.62 -18.34 -4.66
C CYS A 29 -3.86 -17.48 -4.71
N LEU A 30 -4.77 -17.71 -5.67
CA LEU A 30 -5.95 -16.90 -5.83
C LEU A 30 -6.82 -16.81 -4.59
N LYS A 31 -6.87 -17.88 -3.77
CA LYS A 31 -7.66 -17.83 -2.54
C LYS A 31 -7.02 -16.98 -1.44
N ASP A 32 -5.72 -16.71 -1.55
CA ASP A 32 -5.03 -15.89 -0.57
C ASP A 32 -4.96 -14.41 -0.92
N ARG A 33 -5.55 -13.99 -2.04
CA ARG A 33 -5.60 -12.57 -2.46
C ARG A 33 -6.21 -11.73 -1.33
N HIS A 34 -5.70 -10.53 -1.10
CA HIS A 34 -6.19 -9.71 -0.01
C HIS A 34 -6.13 -8.23 -0.36
N ASP A 35 -7.11 -7.46 0.13
CA ASP A 35 -7.11 -6.02 -0.08
C ASP A 35 -6.42 -5.35 1.10
N PHE A 36 -5.25 -4.78 0.85
CA PHE A 36 -4.49 -4.11 1.90
C PHE A 36 -4.88 -2.65 2.13
N GLY A 37 -5.74 -2.10 1.29
CA GLY A 37 -6.19 -0.73 1.41
C GLY A 37 -5.07 0.27 1.28
N PHE A 38 -4.36 0.25 0.16
CA PHE A 38 -3.27 1.19 -0.08
C PHE A 38 -3.81 2.61 -0.14
N PRO A 39 -3.27 3.53 0.67
CA PRO A 39 -3.79 4.90 0.68
C PRO A 39 -3.32 5.73 -0.53
N GLN A 40 -3.94 5.46 -1.68
CA GLN A 40 -3.66 6.08 -2.97
C GLN A 40 -3.81 7.60 -2.93
N GLU A 41 -4.82 8.07 -2.20
CA GLU A 41 -5.12 9.51 -2.07
C GLU A 41 -4.00 10.33 -1.42
N GLU A 42 -3.12 9.67 -0.65
CA GLU A 42 -2.01 10.36 0.00
C GLU A 42 -0.88 10.79 -0.93
N PHE A 43 -0.85 10.22 -2.13
CA PHE A 43 0.16 10.55 -3.11
C PHE A 43 -0.30 11.63 -4.13
N GLY A 44 -1.49 12.19 -3.92
CA GLY A 44 -2.13 13.24 -4.71
C GLY A 44 -2.11 13.10 -6.22
N ASN A 45 -2.18 14.23 -6.94
CA ASN A 45 -2.09 14.21 -8.39
C ASN A 45 -0.60 14.30 -8.79
N GLN A 46 -0.26 13.91 -10.03
CA GLN A 46 1.13 13.95 -10.51
C GLN A 46 1.75 15.38 -10.54
N PHE A 47 0.91 16.41 -10.38
CA PHE A 47 1.37 17.80 -10.40
C PHE A 47 1.98 18.22 -9.04
N GLN A 48 1.54 17.62 -7.93
CA GLN A 48 2.02 17.98 -6.60
C GLN A 48 3.13 17.04 -6.10
N LYS A 49 3.97 16.56 -7.01
CA LYS A 49 5.04 15.62 -6.66
C LYS A 49 6.08 16.15 -5.65
N ALA A 50 6.28 17.48 -5.60
CA ALA A 50 7.20 18.07 -4.64
C ALA A 50 6.72 17.86 -3.21
N GLU A 51 5.41 18.00 -2.98
CA GLU A 51 4.83 17.82 -1.65
C GLU A 51 4.81 16.35 -1.19
N THR A 52 4.82 15.41 -2.14
CA THR A 52 4.78 13.99 -1.82
C THR A 52 6.17 13.37 -1.57
N ILE A 53 7.25 14.16 -1.59
CA ILE A 53 8.61 13.67 -1.33
C ILE A 53 8.73 12.96 0.05
N PRO A 54 8.33 13.58 1.17
CA PRO A 54 8.43 12.87 2.46
C PRO A 54 7.58 11.60 2.57
N VAL A 55 6.45 11.58 1.86
CA VAL A 55 5.54 10.43 1.85
C VAL A 55 6.18 9.29 1.05
N LEU A 56 6.78 9.63 -0.10
CA LEU A 56 7.47 8.66 -0.95
C LEU A 56 8.71 8.10 -0.24
N HIS A 57 9.39 8.93 0.54
CA HIS A 57 10.56 8.53 1.34
C HIS A 57 10.13 7.47 2.35
N GLU A 58 9.02 7.71 3.04
CA GLU A 58 8.47 6.76 4.01
C GLU A 58 8.06 5.44 3.34
N MET A 59 7.45 5.53 2.16
CA MET A 59 7.04 4.35 1.39
C MET A 59 8.24 3.46 1.07
N ILE A 60 9.34 4.05 0.56
CA ILE A 60 10.56 3.31 0.21
C ILE A 60 11.23 2.72 1.45
N GLN A 61 11.26 3.48 2.54
CA GLN A 61 11.82 3.03 3.80
C GLN A 61 11.02 1.85 4.33
N GLN A 62 9.68 1.89 4.21
CA GLN A 62 8.82 0.80 4.68
C GLN A 62 8.97 -0.43 3.81
N ILE A 63 9.20 -0.27 2.49
CA ILE A 63 9.45 -1.39 1.58
C ILE A 63 10.77 -2.05 1.97
N PHE A 64 11.79 -1.23 2.24
CA PHE A 64 13.09 -1.72 2.69
C PHE A 64 12.93 -2.51 4.01
N ASN A 65 12.20 -1.95 4.99
CA ASN A 65 11.98 -2.60 6.27
C ASN A 65 11.27 -3.92 6.11
N LEU A 66 10.23 -3.96 5.27
CA LEU A 66 9.46 -5.16 5.03
C LEU A 66 10.32 -6.27 4.43
N PHE A 67 11.20 -5.92 3.49
CA PHE A 67 12.03 -6.92 2.81
C PHE A 67 13.38 -7.17 3.48
N SER A 68 13.69 -6.50 4.60
CA SER A 68 14.94 -6.78 5.30
C SER A 68 14.73 -7.55 6.62
N THR A 69 13.53 -8.10 6.86
CA THR A 69 13.25 -8.91 8.05
C THR A 69 13.88 -10.30 7.92
N LYS A 70 13.99 -11.04 9.04
CA LYS A 70 14.51 -12.40 9.03
C LYS A 70 13.64 -13.31 8.15
N ASP A 71 12.32 -13.09 8.19
CA ASP A 71 11.34 -13.84 7.41
C ASP A 71 11.51 -13.59 5.92
N SER A 72 11.82 -12.35 5.51
CA SER A 72 12.05 -12.02 4.11
C SER A 72 13.32 -12.68 3.62
N SER A 73 14.38 -12.68 4.44
CA SER A 73 15.64 -13.32 4.07
C SER A 73 15.46 -14.81 3.80
N ALA A 74 14.56 -15.45 4.55
CA ALA A 74 14.26 -16.86 4.39
C ALA A 74 13.38 -17.11 3.15
N ALA A 75 12.48 -16.17 2.83
CA ALA A 75 11.56 -16.32 1.71
C ALA A 75 12.11 -15.98 0.33
N TRP A 76 13.08 -15.05 0.25
CA TRP A 76 13.58 -14.59 -1.05
C TRP A 76 15.07 -14.85 -1.27
N ASP A 77 15.49 -14.86 -2.55
CA ASP A 77 16.88 -15.10 -2.94
C ASP A 77 17.76 -13.97 -2.46
N GLU A 78 18.84 -14.30 -1.75
CA GLU A 78 19.78 -13.34 -1.17
C GLU A 78 20.40 -12.42 -2.21
N THR A 79 20.84 -12.96 -3.35
CA THR A 79 21.47 -12.17 -4.42
C THR A 79 20.51 -11.12 -4.97
N LEU A 80 19.26 -11.50 -5.19
CA LEU A 80 18.25 -10.57 -5.70
C LEU A 80 17.85 -9.56 -4.64
N LEU A 81 17.80 -9.98 -3.36
CA LEU A 81 17.45 -9.11 -2.25
C LEU A 81 18.49 -8.02 -2.08
N ASP A 82 19.78 -8.35 -2.22
CA ASP A 82 20.85 -7.38 -2.10
C ASP A 82 20.79 -6.33 -3.19
N LYS A 83 20.52 -6.75 -4.43
CA LYS A 83 20.38 -5.82 -5.54
C LYS A 83 19.15 -4.91 -5.32
N PHE A 84 18.07 -5.47 -4.74
CA PHE A 84 16.84 -4.77 -4.41
C PHE A 84 17.11 -3.69 -3.36
N TYR A 85 17.88 -4.03 -2.30
CA TYR A 85 18.24 -3.06 -1.26
C TYR A 85 19.08 -1.95 -1.86
N THR A 86 20.01 -2.26 -2.76
CA THR A 86 20.86 -1.28 -3.41
C THR A 86 20.03 -0.25 -4.17
N GLU A 87 19.01 -0.73 -4.87
CA GLU A 87 18.14 0.14 -5.63
C GLU A 87 17.26 1.00 -4.73
N LEU A 88 16.80 0.44 -3.60
CA LEU A 88 16.01 1.20 -2.63
C LEU A 88 16.88 2.26 -1.96
N TYR A 89 18.15 1.92 -1.64
CA TYR A 89 19.13 2.83 -1.03
C TYR A 89 19.34 4.01 -1.96
N GLN A 90 19.51 3.75 -3.26
CA GLN A 90 19.73 4.81 -4.24
C GLN A 90 18.55 5.76 -4.30
N GLN A 91 17.33 5.23 -4.24
CA GLN A 91 16.12 6.07 -4.27
C GLN A 91 15.98 6.94 -3.01
N LEU A 92 16.37 6.39 -1.87
CA LEU A 92 16.33 7.15 -0.62
C LEU A 92 17.35 8.28 -0.67
N ASN A 93 18.55 8.04 -1.23
CA ASN A 93 19.59 9.06 -1.37
C ASN A 93 19.12 10.23 -2.17
N ASP A 94 18.46 9.97 -3.31
CA ASP A 94 17.98 11.03 -4.19
C ASP A 94 16.98 11.92 -3.47
N LEU A 95 16.08 11.31 -2.67
CA LEU A 95 15.07 12.04 -1.91
C LEU A 95 15.71 12.87 -0.79
N GLU A 96 16.65 12.28 -0.04
CA GLU A 96 17.35 12.96 1.04
C GLU A 96 18.17 14.15 0.55
N ALA A 97 18.89 13.96 -0.56
CA ALA A 97 19.69 15.01 -1.17
C ALA A 97 18.82 16.21 -1.55
N CYS A 98 17.61 15.96 -2.03
CA CYS A 98 16.68 17.02 -2.40
C CYS A 98 16.15 17.76 -1.19
N VAL A 99 15.87 17.05 -0.10
CA VAL A 99 15.38 17.67 1.13
C VAL A 99 16.48 18.55 1.73
N ILE A 100 17.73 18.07 1.72
CA ILE A 100 18.89 18.82 2.22
C ILE A 100 19.09 20.11 1.41
N GLN A 101 18.88 20.05 0.10
CA GLN A 101 19.01 21.21 -0.77
C GLN A 101 17.81 22.14 -0.63
N THR A 106 10.46 23.01 3.23
CA THR A 106 9.08 22.58 3.36
C THR A 106 8.25 23.61 4.11
N GLU A 107 7.03 23.86 3.62
CA GLU A 107 6.14 24.79 4.27
C GLU A 107 4.71 24.26 4.44
N THR A 108 4.51 22.94 4.37
CA THR A 108 3.16 22.36 4.56
C THR A 108 2.85 22.31 6.06
N PRO A 109 1.67 22.78 6.51
CA PRO A 109 1.38 22.80 7.96
C PRO A 109 1.45 21.45 8.65
N LEU A 110 0.92 20.39 8.02
CA LEU A 110 1.01 19.06 8.60
C LEU A 110 2.37 18.40 8.35
N MET A 111 3.11 18.88 7.32
CA MET A 111 4.32 18.28 6.77
C MET A 111 3.98 16.88 6.23
N LYS A 112 2.69 16.64 5.85
CA LYS A 112 2.10 15.38 5.43
C LYS A 112 2.38 14.28 6.46
N GLU A 113 2.30 14.64 7.77
CA GLU A 113 2.48 13.64 8.83
C GLU A 113 1.33 12.64 8.82
N ASP A 114 0.10 13.12 8.52
CA ASP A 114 -1.09 12.29 8.38
C ASP A 114 -0.90 11.27 7.26
N SER A 115 -0.32 11.69 6.13
CA SER A 115 0.00 10.83 5.00
C SER A 115 1.04 9.77 5.37
N ILE A 116 2.09 10.14 6.10
CA ILE A 116 3.12 9.20 6.55
C ILE A 116 2.49 8.14 7.48
N LEU A 117 1.58 8.55 8.37
CA LEU A 117 0.90 7.64 9.27
C LEU A 117 0.00 6.66 8.53
N ALA A 118 -0.63 7.11 7.44
CA ALA A 118 -1.47 6.24 6.62
C ALA A 118 -0.61 5.19 5.92
N VAL A 119 0.58 5.58 5.43
CA VAL A 119 1.52 4.66 4.80
C VAL A 119 1.99 3.63 5.82
N ARG A 120 2.32 4.08 7.04
CA ARG A 120 2.73 3.18 8.10
C ARG A 120 1.63 2.17 8.45
N LYS A 121 0.38 2.62 8.53
CA LYS A 121 -0.75 1.73 8.82
C LYS A 121 -0.93 0.69 7.72
N TYR A 122 -0.68 1.06 6.47
CA TYR A 122 -0.76 0.15 5.35
C TYR A 122 0.28 -0.96 5.48
N PHE A 123 1.54 -0.61 5.79
CA PHE A 123 2.59 -1.61 6.00
C PHE A 123 2.36 -2.47 7.25
N GLN A 124 1.66 -1.92 8.25
CA GLN A 124 1.30 -2.65 9.44
C GLN A 124 0.29 -3.75 9.07
N ARG A 125 -0.65 -3.46 8.15
CA ARG A 125 -1.61 -4.46 7.69
C ARG A 125 -0.91 -5.57 6.92
N ILE A 126 0.10 -5.24 6.12
CA ILE A 126 0.90 -6.22 5.38
C ILE A 126 1.62 -7.13 6.37
N THR A 127 2.24 -6.53 7.39
CA THR A 127 2.96 -7.26 8.44
C THR A 127 2.03 -8.22 9.20
N LEU A 128 0.84 -7.75 9.58
CA LEU A 128 -0.15 -8.55 10.29
C LEU A 128 -0.63 -9.71 9.42
N TYR A 129 -0.83 -9.46 8.13
CA TYR A 129 -1.27 -10.48 7.16
C TYR A 129 -0.24 -11.59 7.07
N LEU A 130 1.04 -11.24 6.93
CA LEU A 130 2.10 -12.23 6.83
C LEU A 130 2.19 -13.07 8.09
N LYS A 131 2.03 -12.45 9.26
CA LYS A 131 2.08 -13.15 10.52
C LYS A 131 0.90 -14.12 10.65
N GLU A 132 -0.32 -13.65 10.32
CA GLU A 132 -1.53 -14.46 10.35
C GLU A 132 -1.43 -15.66 9.41
N LYS A 133 -0.87 -15.44 8.22
CA LYS A 133 -0.70 -16.49 7.22
C LYS A 133 0.57 -17.34 7.42
N LYS A 134 1.27 -17.16 8.56
CA LYS A 134 2.45 -17.89 8.95
C LYS A 134 3.54 -17.86 7.89
N TYR A 135 3.70 -16.72 7.22
CA TYR A 135 4.72 -16.46 6.19
C TYR A 135 4.75 -17.50 5.08
N SER A 136 3.57 -18.02 4.72
CA SER A 136 3.45 -19.03 3.69
C SER A 136 3.94 -18.53 2.33
N PRO A 137 4.34 -19.42 1.42
CA PRO A 137 4.78 -18.98 0.09
C PRO A 137 3.74 -18.13 -0.64
N CYS A 138 2.45 -18.48 -0.49
CA CYS A 138 1.34 -17.76 -1.09
C CYS A 138 1.17 -16.39 -0.48
N ALA A 139 1.32 -16.28 0.84
CA ALA A 139 1.21 -14.99 1.52
C ALA A 139 2.32 -14.06 1.05
N TRP A 140 3.55 -14.57 0.90
CA TRP A 140 4.65 -13.77 0.40
C TRP A 140 4.47 -13.34 -1.04
N GLU A 141 3.88 -14.19 -1.88
CA GLU A 141 3.60 -13.85 -3.26
C GLU A 141 2.51 -12.79 -3.37
N VAL A 142 1.49 -12.87 -2.51
CA VAL A 142 0.43 -11.86 -2.47
C VAL A 142 1.02 -10.50 -2.06
N VAL A 143 1.93 -10.49 -1.07
CA VAL A 143 2.58 -9.29 -0.60
C VAL A 143 3.51 -8.71 -1.65
N ARG A 144 4.27 -9.57 -2.34
CA ARG A 144 5.17 -9.14 -3.40
C ARG A 144 4.39 -8.47 -4.52
N ALA A 145 3.26 -9.06 -4.93
CA ALA A 145 2.42 -8.50 -5.97
C ALA A 145 1.76 -7.19 -5.53
N GLU A 146 1.40 -7.10 -4.25
CA GLU A 146 0.82 -5.88 -3.69
C GLU A 146 1.85 -4.76 -3.71
N ILE A 147 3.10 -5.05 -3.35
CA ILE A 147 4.16 -4.05 -3.38
C ILE A 147 4.49 -3.63 -4.81
N MET A 148 4.40 -4.56 -5.80
CA MET A 148 4.61 -4.19 -7.21
C MET A 148 3.57 -3.12 -7.62
N ARG A 149 2.32 -3.33 -7.21
CA ARG A 149 1.22 -2.42 -7.51
C ARG A 149 1.37 -1.08 -6.80
N SER A 150 1.49 -1.09 -5.47
CA SER A 150 1.59 0.14 -4.70
C SER A 150 2.83 0.95 -4.98
N PHE A 151 3.95 0.30 -5.30
CA PHE A 151 5.17 1.01 -5.62
C PHE A 151 5.03 1.71 -6.97
N SER A 152 4.39 1.06 -7.95
CA SER A 152 4.17 1.70 -9.26
C SER A 152 3.25 2.91 -9.11
N LEU A 153 2.22 2.80 -8.25
CA LEU A 153 1.28 3.87 -7.98
C LEU A 153 1.95 5.04 -7.27
N SER A 154 2.75 4.77 -6.24
CA SER A 154 3.43 5.82 -5.48
C SER A 154 4.47 6.57 -6.30
N THR A 155 5.13 5.89 -7.23
CA THR A 155 6.13 6.51 -8.09
C THR A 155 5.58 7.06 -9.40
N ASN A 156 4.24 7.00 -9.60
CA ASN A 156 3.54 7.47 -10.79
C ASN A 156 4.13 6.90 -12.09
N LEU A 157 4.65 5.66 -12.00
CA LEU A 157 5.26 4.90 -13.06
C LEU A 157 4.27 4.52 -14.18
N VAL B 4 -17.20 16.19 26.04
CA VAL B 4 -17.00 16.16 24.60
C VAL B 4 -18.34 16.26 23.88
N GLN B 5 -18.52 17.31 23.05
CA GLN B 5 -19.78 17.47 22.34
C GLN B 5 -19.61 17.72 20.86
N LEU B 6 -20.54 17.19 20.07
CA LEU B 6 -20.59 17.34 18.63
C LEU B 6 -22.02 17.76 18.28
N VAL B 7 -22.19 18.94 17.68
CA VAL B 7 -23.53 19.42 17.36
C VAL B 7 -23.72 19.60 15.85
N GLU B 8 -24.55 18.74 15.23
CA GLU B 8 -24.82 18.85 13.80
C GLU B 8 -25.92 19.84 13.50
N SER B 9 -25.84 20.48 12.32
CA SER B 9 -26.81 21.45 11.86
C SER B 9 -26.75 21.54 10.33
N GLY B 10 -27.73 22.19 9.72
CA GLY B 10 -27.74 22.34 8.26
C GLY B 10 -28.65 21.37 7.53
N GLY B 11 -29.26 20.45 8.26
CA GLY B 11 -30.16 19.48 7.66
C GLY B 11 -31.48 20.09 7.26
N GLY B 12 -32.11 19.53 6.24
CA GLY B 12 -33.39 20.03 5.76
C GLY B 12 -33.92 19.31 4.54
N LEU B 13 -35.00 19.85 3.95
CA LEU B 13 -35.63 19.28 2.77
C LEU B 13 -35.00 19.90 1.54
N VAL B 14 -34.51 19.06 0.62
CA VAL B 14 -33.87 19.55 -0.59
C VAL B 14 -34.40 18.82 -1.81
N GLN B 15 -34.41 19.48 -2.97
CA GLN B 15 -34.89 18.88 -4.20
C GLN B 15 -33.82 18.02 -4.84
N PRO B 16 -34.20 16.93 -5.54
CA PRO B 16 -33.17 16.11 -6.20
C PRO B 16 -32.33 16.95 -7.16
N GLY B 17 -31.02 16.76 -7.12
CA GLY B 17 -30.09 17.49 -7.97
C GLY B 17 -29.52 18.73 -7.29
N GLY B 18 -30.20 19.20 -6.25
CA GLY B 18 -29.78 20.38 -5.51
C GLY B 18 -28.58 20.13 -4.61
N SER B 19 -28.21 21.12 -3.79
CA SER B 19 -27.08 20.98 -2.89
C SER B 19 -27.40 21.44 -1.46
N LEU B 20 -26.63 20.95 -0.49
CA LEU B 20 -26.80 21.28 0.92
C LEU B 20 -25.47 21.14 1.64
N ARG B 21 -25.22 21.98 2.67
CA ARG B 21 -23.99 21.88 3.44
C ARG B 21 -24.29 21.60 4.91
N LEU B 22 -23.79 20.49 5.43
CA LEU B 22 -23.98 20.15 6.83
C LEU B 22 -22.80 20.65 7.67
N SER B 23 -23.05 20.99 8.93
CA SER B 23 -22.00 21.45 9.82
C SER B 23 -22.03 20.62 11.09
N CYS B 24 -20.89 20.52 11.76
CA CYS B 24 -20.77 19.79 13.01
C CYS B 24 -19.81 20.58 13.91
N ALA B 25 -20.35 21.27 14.93
CA ALA B 25 -19.52 22.06 15.83
C ALA B 25 -18.99 21.18 16.95
N ALA B 26 -17.66 21.14 17.13
CA ALA B 26 -17.02 20.31 18.14
C ALA B 26 -16.54 21.09 19.36
N SER B 27 -16.57 20.47 20.54
CA SER B 27 -16.11 21.10 21.78
C SER B 27 -15.73 20.04 22.82
N GLY B 28 -14.91 20.42 23.78
CA GLY B 28 -14.49 19.52 24.85
C GLY B 28 -13.32 18.61 24.54
N PHE B 29 -12.70 18.77 23.36
CA PHE B 29 -11.54 17.95 22.99
C PHE B 29 -10.64 18.66 21.98
N THR B 30 -9.43 18.15 21.75
CA THR B 30 -8.52 18.75 20.78
C THR B 30 -8.95 18.35 19.37
N PHE B 31 -9.87 19.12 18.79
CA PHE B 31 -10.42 18.87 17.47
C PHE B 31 -9.35 18.68 16.40
N SER B 32 -8.33 19.53 16.40
CA SER B 32 -7.25 19.50 15.42
C SER B 32 -6.36 18.24 15.46
N SER B 33 -6.48 17.43 16.52
CA SER B 33 -5.66 16.22 16.64
C SER B 33 -6.42 14.94 16.27
N HIS B 34 -7.68 15.06 15.87
CA HIS B 34 -8.45 13.88 15.54
C HIS B 34 -9.07 13.93 14.18
N ALA B 35 -9.08 12.79 13.50
CA ALA B 35 -9.72 12.70 12.21
C ALA B 35 -11.22 12.70 12.51
N MET B 36 -12.04 13.12 11.56
CA MET B 36 -13.47 13.18 11.77
C MET B 36 -14.20 12.46 10.66
N SER B 37 -15.36 11.89 10.96
CA SER B 37 -16.13 11.19 9.95
C SER B 37 -17.58 11.60 9.94
N TRP B 38 -18.26 11.31 8.83
CA TRP B 38 -19.69 11.48 8.68
C TRP B 38 -20.23 10.08 8.44
N VAL B 39 -21.25 9.69 9.21
CA VAL B 39 -21.91 8.40 9.08
C VAL B 39 -23.40 8.69 8.92
N ARG B 40 -24.06 8.05 7.97
CA ARG B 40 -25.48 8.33 7.78
C ARG B 40 -26.34 7.12 8.06
N GLN B 41 -27.61 7.37 8.34
CA GLN B 41 -28.56 6.31 8.61
C GLN B 41 -29.90 6.57 7.94
N PRO B 42 -30.16 5.94 6.79
CA PRO B 42 -31.45 6.13 6.14
C PRO B 42 -32.59 5.71 7.05
N PRO B 43 -33.80 6.28 6.87
CA PRO B 43 -34.91 5.89 7.75
C PRO B 43 -35.17 4.38 7.79
N GLY B 44 -35.12 3.82 8.99
CA GLY B 44 -35.37 2.40 9.20
C GLY B 44 -34.28 1.49 8.66
N LYS B 45 -33.11 2.04 8.39
CA LYS B 45 -31.99 1.24 7.87
C LYS B 45 -30.78 1.26 8.81
N GLY B 46 -29.71 0.59 8.43
CA GLY B 46 -28.51 0.52 9.23
C GLY B 46 -27.58 1.70 9.06
N LEU B 47 -26.43 1.68 9.75
CA LEU B 47 -25.43 2.73 9.68
C LEU B 47 -24.56 2.57 8.44
N GLU B 48 -24.19 3.68 7.82
CA GLU B 48 -23.38 3.66 6.61
C GLU B 48 -22.31 4.74 6.69
N TRP B 49 -21.03 4.37 6.60
CA TRP B 49 -19.95 5.35 6.62
C TRP B 49 -20.00 6.18 5.34
N VAL B 50 -19.91 7.52 5.47
CA VAL B 50 -19.99 8.41 4.32
C VAL B 50 -18.62 8.95 3.92
N SER B 51 -17.93 9.58 4.85
CA SER B 51 -16.64 10.18 4.53
C SER B 51 -15.81 10.44 5.77
N SER B 52 -14.50 10.52 5.60
CA SER B 52 -13.57 10.81 6.68
C SER B 52 -12.54 11.86 6.24
N ILE B 53 -12.09 12.70 7.17
CA ILE B 53 -11.09 13.72 6.90
C ILE B 53 -10.03 13.66 7.99
N SER B 54 -8.77 13.76 7.61
CA SER B 54 -7.67 13.70 8.57
C SER B 54 -7.62 14.89 9.50
N ALA B 55 -6.88 14.75 10.59
CA ALA B 55 -6.74 15.77 11.61
C ALA B 55 -6.42 17.17 11.06
N ALA B 56 -5.46 17.27 10.14
CA ALA B 56 -5.13 18.60 9.62
C ALA B 56 -5.86 18.96 8.33
N GLY B 57 -6.76 18.09 7.89
CA GLY B 57 -7.58 18.34 6.70
C GLY B 57 -6.96 18.00 5.37
N GLY B 58 -5.73 17.50 5.38
CA GLY B 58 -5.03 17.15 4.14
C GLY B 58 -5.46 15.86 3.47
N SER B 59 -5.97 14.91 4.23
CA SER B 59 -6.36 13.63 3.65
C SER B 59 -7.86 13.40 3.75
N THR B 60 -8.50 13.01 2.64
CA THR B 60 -9.94 12.75 2.65
C THR B 60 -10.27 11.37 2.05
N TYR B 61 -11.30 10.72 2.58
CA TYR B 61 -11.75 9.43 2.12
C TYR B 61 -13.28 9.46 1.96
N TYR B 62 -13.81 8.79 0.94
CA TYR B 62 -15.26 8.79 0.69
C TYR B 62 -15.80 7.40 0.38
N ALA B 63 -17.07 7.16 0.69
CA ALA B 63 -17.73 5.90 0.33
C ALA B 63 -17.98 5.98 -1.17
N ALA B 64 -17.97 4.85 -1.88
CA ALA B 64 -18.17 4.87 -3.33
C ALA B 64 -19.48 5.53 -3.76
N SER B 65 -20.52 5.39 -2.94
CA SER B 65 -21.85 5.95 -3.23
C SER B 65 -21.91 7.49 -3.22
N VAL B 66 -20.94 8.15 -2.57
CA VAL B 66 -20.93 9.60 -2.47
C VAL B 66 -19.70 10.25 -3.13
N LYS B 67 -18.73 9.45 -3.56
CA LYS B 67 -17.53 9.98 -4.17
C LYS B 67 -17.85 10.80 -5.39
N GLY B 68 -17.26 12.00 -5.48
CA GLY B 68 -17.49 12.89 -6.62
C GLY B 68 -18.68 13.81 -6.47
N ARG B 69 -19.55 13.53 -5.48
CA ARG B 69 -20.72 14.36 -5.24
C ARG B 69 -20.58 15.08 -3.91
N PHE B 70 -20.03 14.40 -2.91
CA PHE B 70 -19.87 14.99 -1.58
C PHE B 70 -18.43 15.45 -1.36
N THR B 71 -18.24 16.47 -0.52
CA THR B 71 -16.92 16.98 -0.18
C THR B 71 -16.82 17.25 1.32
N ILE B 72 -15.89 16.57 2.00
CA ILE B 72 -15.70 16.79 3.43
C ILE B 72 -14.60 17.82 3.62
N SER B 73 -14.80 18.72 4.58
CA SER B 73 -13.82 19.77 4.88
C SER B 73 -13.88 20.12 6.36
N ARG B 74 -12.87 20.84 6.88
CA ARG B 74 -12.90 21.21 8.28
C ARG B 74 -12.21 22.54 8.54
N ASP B 75 -12.66 23.24 9.59
CA ASP B 75 -12.09 24.50 10.04
C ASP B 75 -11.57 24.23 11.44
N ASN B 76 -10.26 24.03 11.59
CA ASN B 76 -9.69 23.71 12.90
C ASN B 76 -9.70 24.90 13.87
N SER B 77 -9.71 26.13 13.34
CA SER B 77 -9.76 27.34 14.17
C SER B 77 -11.11 27.44 14.87
N ASN B 78 -12.20 27.22 14.12
CA ASN B 78 -13.56 27.28 14.64
C ASN B 78 -14.06 25.93 15.15
N LYS B 79 -13.19 24.90 15.12
CA LYS B 79 -13.55 23.55 15.57
C LYS B 79 -14.83 23.04 14.90
N THR B 80 -14.92 23.21 13.57
CA THR B 80 -16.10 22.78 12.83
C THR B 80 -15.79 21.84 11.67
N LEU B 81 -16.62 20.80 11.52
CA LEU B 81 -16.52 19.82 10.43
C LEU B 81 -17.65 20.12 9.45
N TYR B 82 -17.39 20.00 8.15
CA TYR B 82 -18.41 20.27 7.15
C TYR B 82 -18.57 19.11 6.16
N LEU B 83 -19.75 19.01 5.54
CA LEU B 83 -20.04 18.03 4.50
C LEU B 83 -20.83 18.72 3.41
N GLN B 84 -20.18 19.01 2.29
CA GLN B 84 -20.87 19.63 1.17
C GLN B 84 -21.47 18.52 0.34
N MET B 85 -22.79 18.54 0.19
CA MET B 85 -23.50 17.52 -0.58
C MET B 85 -24.04 18.12 -1.86
N ASN B 86 -23.56 17.64 -3.01
CA ASN B 86 -24.01 18.12 -4.31
C ASN B 86 -24.68 16.98 -5.07
N SER B 87 -25.50 17.31 -6.09
CA SER B 87 -26.20 16.31 -6.90
C SER B 87 -26.97 15.34 -6.01
N LEU B 88 -27.69 15.87 -5.02
CA LEU B 88 -28.44 15.05 -4.08
C LEU B 88 -29.47 14.15 -4.73
N ARG B 89 -29.55 12.90 -4.25
CA ARG B 89 -30.48 11.90 -4.76
C ARG B 89 -31.42 11.43 -3.65
N ALA B 90 -32.51 10.74 -4.01
CA ALA B 90 -33.44 10.22 -3.00
C ALA B 90 -32.70 9.25 -2.08
N GLU B 91 -31.68 8.56 -2.61
CA GLU B 91 -30.82 7.62 -1.90
C GLU B 91 -30.07 8.29 -0.74
N ASP B 92 -29.87 9.62 -0.82
CA ASP B 92 -29.16 10.36 0.21
C ASP B 92 -30.02 10.73 1.41
N THR B 93 -31.33 10.42 1.37
CA THR B 93 -32.23 10.71 2.49
C THR B 93 -31.79 9.93 3.72
N ALA B 94 -31.37 10.62 4.79
CA ALA B 94 -30.89 9.95 5.98
C ALA B 94 -30.61 10.92 7.12
N ILE B 95 -30.39 10.40 8.32
CA ILE B 95 -29.95 11.21 9.43
C ILE B 95 -28.43 11.17 9.31
N TYR B 96 -27.79 12.34 9.30
CA TYR B 96 -26.33 12.41 9.17
C TYR B 96 -25.68 12.71 10.51
N TYR B 97 -24.78 11.84 10.95
CA TYR B 97 -24.07 12.02 12.21
C TYR B 97 -22.61 12.32 11.95
N CYS B 98 -22.01 13.18 12.76
CA CYS B 98 -20.57 13.39 12.68
C CYS B 98 -20.01 12.60 13.86
N ALA B 99 -18.82 12.04 13.71
CA ALA B 99 -18.22 11.24 14.75
C ALA B 99 -16.73 11.51 14.81
N LYS B 100 -16.18 11.54 16.03
CA LYS B 100 -14.76 11.76 16.22
C LYS B 100 -14.03 10.42 16.12
N GLU B 101 -12.91 10.40 15.43
CA GLU B 101 -12.15 9.17 15.33
C GLU B 101 -11.03 9.22 16.38
N SER B 102 -10.62 8.07 16.88
CA SER B 102 -9.60 7.99 17.93
C SER B 102 -8.18 8.39 17.50
N ASP B 103 -7.87 8.40 16.20
CA ASP B 103 -6.53 8.75 15.72
C ASP B 103 -6.50 10.04 14.88
N ARG B 104 -5.33 10.42 14.38
CA ARG B 104 -5.21 11.59 13.51
C ARG B 104 -5.69 11.21 12.11
N VAL B 105 -5.51 9.94 11.70
CA VAL B 105 -5.93 9.46 10.38
C VAL B 105 -6.84 8.26 10.51
N THR B 106 -7.65 7.99 9.47
CA THR B 106 -8.60 6.90 9.52
C THR B 106 -7.95 5.51 9.38
N THR B 107 -8.76 4.46 9.61
CA THR B 107 -8.40 3.04 9.62
C THR B 107 -7.84 2.64 10.98
N LEU B 108 -7.99 1.37 11.34
CA LEU B 108 -7.49 0.85 12.59
C LEU B 108 -7.89 1.73 13.79
N ASP B 109 -9.10 2.26 13.75
CA ASP B 109 -9.60 3.12 14.83
C ASP B 109 -11.09 2.90 15.11
N TRP B 110 -11.73 3.83 15.83
CA TRP B 110 -13.15 3.72 16.16
C TRP B 110 -13.82 5.09 16.25
N PHE B 111 -15.16 5.11 16.23
CA PHE B 111 -15.91 6.36 16.31
C PHE B 111 -16.38 6.61 17.73
N ASP B 112 -15.92 7.71 18.34
CA ASP B 112 -16.34 8.08 19.69
C ASP B 112 -15.87 9.46 20.04
N PRO B 113 -16.80 10.36 20.39
CA PRO B 113 -18.25 10.16 20.45
C PRO B 113 -18.94 10.51 19.13
N TRP B 114 -20.28 10.45 19.12
CA TRP B 114 -21.09 10.78 17.95
C TRP B 114 -21.97 11.97 18.28
N GLY B 115 -22.36 12.73 17.28
CA GLY B 115 -23.26 13.86 17.46
C GLY B 115 -24.71 13.40 17.52
N GLN B 116 -25.66 14.32 17.72
CA GLN B 116 -27.07 13.95 17.81
C GLN B 116 -27.72 13.68 16.46
N GLY B 117 -27.06 14.09 15.38
CA GLY B 117 -27.55 13.88 14.02
C GLY B 117 -28.41 14.98 13.46
N THR B 118 -28.45 15.10 12.13
CA THR B 118 -29.28 16.07 11.44
C THR B 118 -29.96 15.39 10.26
N LEU B 119 -31.27 15.60 10.11
CA LEU B 119 -32.04 14.96 9.05
C LEU B 119 -31.93 15.65 7.69
N VAL B 120 -31.60 14.88 6.65
CA VAL B 120 -31.53 15.39 5.29
C VAL B 120 -32.56 14.61 4.48
N THR B 121 -33.56 15.31 3.94
CA THR B 121 -34.60 14.63 3.15
C THR B 121 -34.55 15.10 1.72
N VAL B 122 -34.35 14.18 0.77
CA VAL B 122 -34.33 14.54 -0.64
C VAL B 122 -35.61 14.04 -1.29
N ALA B 143 -19.66 -0.26 -4.59
CA ALA B 143 -19.77 -0.80 -3.23
C ALA B 143 -18.42 -1.33 -2.67
N SER B 144 -18.31 -1.49 -1.32
CA SER B 144 -17.09 -2.00 -0.68
C SER B 144 -16.82 -3.46 -1.02
N ASP B 145 -15.54 -3.84 -1.01
CA ASP B 145 -15.18 -5.22 -1.23
C ASP B 145 -15.11 -6.02 0.10
N ILE B 146 -15.26 -5.35 1.29
CA ILE B 146 -15.34 -6.03 2.59
C ILE B 146 -16.77 -6.02 3.07
N GLN B 147 -17.45 -7.16 2.97
CA GLN B 147 -18.84 -7.30 3.41
C GLN B 147 -18.89 -7.75 4.86
N MET B 148 -19.72 -7.08 5.68
CA MET B 148 -19.89 -7.41 7.09
C MET B 148 -21.27 -8.03 7.30
N THR B 149 -21.31 -9.30 7.67
CA THR B 149 -22.58 -10.01 7.87
C THR B 149 -22.87 -10.25 9.33
N GLN B 150 -23.94 -9.64 9.84
CA GLN B 150 -24.34 -9.84 11.23
C GLN B 150 -25.43 -10.90 11.34
N SER B 151 -25.37 -11.72 12.38
CA SER B 151 -26.36 -12.77 12.60
C SER B 151 -26.66 -12.92 14.08
N PRO B 152 -27.95 -13.06 14.45
CA PRO B 152 -29.14 -12.98 13.58
C PRO B 152 -29.55 -11.52 13.27
N SER B 153 -30.56 -11.31 12.40
CA SER B 153 -31.03 -9.95 12.12
C SER B 153 -31.84 -9.38 13.30
N SER B 154 -32.49 -10.27 14.06
CA SER B 154 -33.26 -9.94 15.25
C SER B 154 -33.30 -11.15 16.17
N LEU B 155 -33.38 -10.91 17.48
CA LEU B 155 -33.48 -11.98 18.45
C LEU B 155 -34.35 -11.58 19.64
N SER B 156 -35.11 -12.54 20.17
CA SER B 156 -35.97 -12.29 21.32
C SER B 156 -35.31 -12.86 22.56
N ALA B 157 -35.22 -12.06 23.62
CA ALA B 157 -34.60 -12.51 24.86
C ALA B 157 -35.30 -11.93 26.08
N SER B 158 -35.19 -12.64 27.19
CA SER B 158 -35.75 -12.23 28.49
C SER B 158 -34.65 -11.60 29.36
N VAL B 159 -35.04 -10.84 30.39
CA VAL B 159 -34.09 -10.24 31.31
C VAL B 159 -33.38 -11.38 32.07
N GLY B 160 -32.06 -11.38 32.00
CA GLY B 160 -31.24 -12.41 32.62
C GLY B 160 -30.62 -13.39 31.64
N ASP B 161 -31.13 -13.40 30.38
CA ASP B 161 -30.62 -14.30 29.36
C ASP B 161 -29.23 -13.92 28.86
N ARG B 162 -28.49 -14.90 28.34
CA ARG B 162 -27.19 -14.66 27.76
C ARG B 162 -27.42 -14.42 26.27
N VAL B 163 -27.01 -13.26 25.77
CA VAL B 163 -27.21 -12.93 24.37
C VAL B 163 -25.90 -12.96 23.59
N THR B 164 -25.90 -13.62 22.43
CA THR B 164 -24.73 -13.72 21.58
C THR B 164 -25.02 -13.23 20.16
N ILE B 165 -24.27 -12.21 19.70
CA ILE B 165 -24.44 -11.68 18.36
C ILE B 165 -23.12 -11.92 17.60
N THR B 166 -23.21 -12.45 16.37
CA THR B 166 -22.00 -12.70 15.59
C THR B 166 -21.85 -11.74 14.42
N CYS B 167 -20.60 -11.49 14.04
CA CYS B 167 -20.30 -10.63 12.91
C CYS B 167 -19.18 -11.28 12.10
N ARG B 168 -19.44 -11.48 10.80
CA ARG B 168 -18.49 -12.15 9.92
C ARG B 168 -18.00 -11.20 8.82
N ALA B 169 -16.68 -11.13 8.61
CA ALA B 169 -16.11 -10.28 7.57
C ALA B 169 -15.77 -11.12 6.34
N SER B 170 -15.91 -10.55 5.13
CA SER B 170 -15.62 -11.29 3.89
C SER B 170 -14.14 -11.64 3.70
N GLN B 171 -13.26 -10.91 4.36
CA GLN B 171 -11.83 -11.16 4.37
C GLN B 171 -11.30 -10.89 5.78
N SER B 172 -10.06 -11.27 6.07
CA SER B 172 -9.48 -11.03 7.40
C SER B 172 -9.35 -9.55 7.66
N ILE B 173 -9.84 -9.10 8.81
CA ILE B 173 -9.71 -7.71 9.22
C ILE B 173 -8.88 -7.60 10.53
N SER B 174 -8.05 -8.63 10.84
CA SER B 174 -7.22 -8.71 12.05
C SER B 174 -8.14 -8.59 13.29
N SER B 175 -7.95 -7.60 14.17
CA SER B 175 -8.84 -7.37 15.31
C SER B 175 -9.56 -6.01 15.18
N TYR B 176 -9.62 -5.44 13.97
CA TYR B 176 -10.18 -4.11 13.77
C TYR B 176 -11.67 -4.13 13.54
N LEU B 177 -12.40 -4.52 14.60
CA LEU B 177 -13.85 -4.57 14.62
C LEU B 177 -14.38 -3.88 15.88
N ASN B 178 -15.34 -2.97 15.69
CA ASN B 178 -15.95 -2.26 16.81
C ASN B 178 -17.44 -2.61 16.94
N TRP B 179 -17.99 -2.53 18.15
CA TRP B 179 -19.41 -2.82 18.38
C TRP B 179 -20.09 -1.57 18.94
N TYR B 180 -21.28 -1.26 18.42
CA TYR B 180 -22.05 -0.10 18.85
C TYR B 180 -23.46 -0.51 19.28
N GLN B 181 -24.03 0.23 20.23
CA GLN B 181 -25.39 0.01 20.71
C GLN B 181 -26.22 1.22 20.27
N GLN B 182 -27.40 0.98 19.69
CA GLN B 182 -28.28 2.07 19.28
C GLN B 182 -29.71 1.84 19.74
N LYS B 183 -30.21 2.72 20.59
CA LYS B 183 -31.58 2.62 21.09
C LYS B 183 -32.54 3.36 20.13
N PRO B 184 -33.84 3.01 20.09
CA PRO B 184 -34.77 3.70 19.18
C PRO B 184 -34.81 5.21 19.39
N GLY B 185 -34.66 5.95 18.30
CA GLY B 185 -34.66 7.41 18.31
C GLY B 185 -33.39 8.06 18.84
N GLN B 186 -32.35 7.26 19.11
CA GLN B 186 -31.09 7.77 19.65
C GLN B 186 -29.92 7.52 18.70
N ALA B 187 -28.80 8.23 18.93
CA ALA B 187 -27.59 8.05 18.16
C ALA B 187 -26.81 6.83 18.69
N PRO B 188 -25.99 6.18 17.85
CA PRO B 188 -25.22 5.02 18.34
C PRO B 188 -24.20 5.37 19.42
N LYS B 189 -23.80 4.38 20.21
CA LYS B 189 -22.87 4.54 21.32
C LYS B 189 -21.84 3.41 21.25
N LEU B 190 -20.55 3.73 21.38
CA LEU B 190 -19.49 2.72 21.33
C LEU B 190 -19.53 1.81 22.57
N LEU B 191 -19.50 0.49 22.36
CA LEU B 191 -19.48 -0.47 23.46
C LEU B 191 -18.10 -1.09 23.54
N ILE B 192 -17.61 -1.61 22.40
CA ILE B 192 -16.33 -2.31 22.33
C ILE B 192 -15.54 -1.86 21.13
N TYR B 193 -14.24 -1.64 21.32
CA TYR B 193 -13.35 -1.29 20.23
C TYR B 193 -12.24 -2.34 20.10
N ALA B 194 -11.60 -2.43 18.92
CA ALA B 194 -10.52 -3.40 18.65
C ALA B 194 -10.87 -4.84 19.06
N ALA B 195 -12.07 -5.29 18.68
CA ALA B 195 -12.69 -6.59 18.88
C ALA B 195 -13.03 -6.97 20.32
N SER B 196 -12.19 -6.60 21.30
CA SER B 196 -12.43 -7.02 22.69
C SER B 196 -12.27 -5.95 23.78
N SER B 197 -11.79 -4.76 23.42
CA SER B 197 -11.59 -3.71 24.42
C SER B 197 -12.89 -3.03 24.83
N LEU B 198 -13.27 -3.14 26.10
CA LEU B 198 -14.49 -2.54 26.62
C LEU B 198 -14.32 -1.03 26.77
N GLN B 199 -15.30 -0.25 26.30
CA GLN B 199 -15.26 1.20 26.43
C GLN B 199 -15.53 1.62 27.88
N THR B 200 -14.88 2.68 28.34
CA THR B 200 -15.03 3.22 29.69
C THR B 200 -16.51 3.56 29.97
N GLY B 201 -17.03 3.06 31.09
CA GLY B 201 -18.41 3.29 31.45
C GLY B 201 -19.37 2.19 31.04
N VAL B 202 -18.96 1.35 30.08
CA VAL B 202 -19.80 0.24 29.63
C VAL B 202 -19.75 -0.89 30.68
N PRO B 203 -20.91 -1.41 31.12
CA PRO B 203 -20.91 -2.48 32.14
C PRO B 203 -20.12 -3.73 31.75
N SER B 204 -19.58 -4.43 32.76
CA SER B 204 -18.78 -5.63 32.55
C SER B 204 -19.55 -6.83 31.96
N ARG B 205 -20.90 -6.75 31.92
CA ARG B 205 -21.69 -7.82 31.31
C ARG B 205 -21.50 -7.92 29.78
N PHE B 206 -20.98 -6.84 29.15
CA PHE B 206 -20.69 -6.80 27.73
C PHE B 206 -19.24 -7.24 27.53
N SER B 207 -19.02 -8.08 26.53
CA SER B 207 -17.69 -8.56 26.19
C SER B 207 -17.62 -8.88 24.69
N GLY B 208 -16.45 -8.70 24.13
CA GLY B 208 -16.24 -8.95 22.71
C GLY B 208 -15.09 -9.92 22.51
N SER B 209 -15.17 -10.73 21.45
CA SER B 209 -14.13 -11.71 21.15
C SER B 209 -14.00 -11.97 19.65
N GLY B 210 -12.88 -12.56 19.25
CA GLY B 210 -12.64 -12.90 17.86
C GLY B 210 -11.50 -12.18 17.19
N SER B 211 -11.07 -12.72 16.05
CA SER B 211 -10.00 -12.20 15.20
C SER B 211 -10.11 -12.79 13.78
N GLY B 212 -9.54 -12.11 12.81
CA GLY B 212 -9.59 -12.55 11.42
C GLY B 212 -10.92 -12.25 10.77
N THR B 213 -11.79 -13.26 10.65
CA THR B 213 -13.09 -13.08 10.01
C THR B 213 -14.30 -13.27 10.91
N ASP B 214 -14.16 -13.95 12.07
CA ASP B 214 -15.32 -14.20 12.92
C ASP B 214 -15.25 -13.48 14.27
N PHE B 215 -16.30 -12.73 14.59
CA PHE B 215 -16.34 -11.93 15.81
C PHE B 215 -17.64 -12.09 16.58
N THR B 216 -17.61 -11.94 17.91
CA THR B 216 -18.79 -12.11 18.73
C THR B 216 -18.95 -11.07 19.83
N LEU B 217 -20.17 -10.57 20.02
CA LEU B 217 -20.54 -9.67 21.10
C LEU B 217 -21.40 -10.50 22.05
N THR B 218 -21.04 -10.54 23.33
CA THR B 218 -21.79 -11.31 24.32
C THR B 218 -22.25 -10.45 25.48
N ILE B 219 -23.53 -10.56 25.83
CA ILE B 219 -24.11 -9.90 27.00
C ILE B 219 -24.38 -11.09 27.92
N SER B 220 -23.60 -11.22 29.01
CA SER B 220 -23.71 -12.36 29.94
C SER B 220 -25.07 -12.50 30.62
N SER B 221 -25.69 -11.38 31.00
CA SER B 221 -27.01 -11.38 31.64
C SER B 221 -27.74 -10.11 31.22
N LEU B 222 -28.65 -10.23 30.26
CA LEU B 222 -29.41 -9.12 29.69
C LEU B 222 -30.20 -8.31 30.71
N GLN B 223 -30.08 -6.99 30.66
CA GLN B 223 -30.79 -6.08 31.55
C GLN B 223 -31.85 -5.28 30.76
N PRO B 224 -32.88 -4.72 31.42
CA PRO B 224 -33.92 -3.97 30.68
C PRO B 224 -33.38 -2.83 29.82
N GLU B 225 -32.27 -2.22 30.23
CA GLU B 225 -31.67 -1.13 29.46
C GLU B 225 -30.85 -1.60 28.24
N ASP B 226 -30.70 -2.92 28.05
CA ASP B 226 -29.93 -3.47 26.94
C ASP B 226 -30.76 -3.77 25.69
N PHE B 227 -32.10 -3.61 25.74
CA PHE B 227 -32.93 -3.84 24.56
C PHE B 227 -32.66 -2.70 23.60
N ALA B 228 -31.90 -3.00 22.55
CA ALA B 228 -31.45 -2.02 21.56
C ALA B 228 -30.98 -2.76 20.25
N THR B 229 -30.62 -2.02 19.18
CA THR B 229 -30.07 -2.62 17.98
C THR B 229 -28.55 -2.53 18.10
N TYR B 230 -27.85 -3.63 17.84
CA TYR B 230 -26.40 -3.67 17.95
C TYR B 230 -25.77 -3.77 16.57
N TYR B 231 -24.68 -3.04 16.33
CA TYR B 231 -24.01 -3.03 15.05
C TYR B 231 -22.51 -3.29 15.18
N CYS B 232 -21.95 -4.08 14.26
CA CYS B 232 -20.52 -4.27 14.19
C CYS B 232 -19.98 -3.35 13.07
N GLN B 233 -18.70 -2.99 13.14
CA GLN B 233 -18.10 -2.09 12.16
C GLN B 233 -16.63 -2.42 11.97
N GLN B 234 -16.19 -2.64 10.72
CA GLN B 234 -14.78 -2.90 10.47
C GLN B 234 -14.05 -1.59 10.28
N SER B 235 -12.89 -1.45 10.91
CA SER B 235 -12.06 -0.26 10.73
C SER B 235 -10.70 -0.62 10.11
N TYR B 236 -10.59 -1.81 9.49
CA TYR B 236 -9.38 -2.31 8.86
C TYR B 236 -8.94 -1.43 7.71
N ILE B 237 -9.82 -1.19 6.71
CA ILE B 237 -9.51 -0.35 5.54
C ILE B 237 -10.72 0.52 5.12
N THR B 238 -10.48 1.55 4.27
CA THR B 238 -11.55 2.36 3.73
C THR B 238 -12.07 1.71 2.44
N PRO B 239 -13.38 1.76 2.18
CA PRO B 239 -14.43 2.37 3.00
C PRO B 239 -14.75 1.57 4.26
N LEU B 240 -14.94 2.30 5.36
CA LEU B 240 -15.29 1.69 6.64
C LEU B 240 -16.74 1.22 6.52
N THR B 241 -17.02 -0.05 6.88
CA THR B 241 -18.38 -0.58 6.73
C THR B 241 -18.98 -1.16 8.00
N PHE B 242 -20.31 -1.06 8.09
CA PHE B 242 -21.08 -1.56 9.24
C PHE B 242 -21.89 -2.80 8.86
N GLY B 243 -22.15 -3.66 9.84
CA GLY B 243 -23.01 -4.82 9.67
C GLY B 243 -24.47 -4.39 9.58
N GLY B 244 -25.33 -5.31 9.17
CA GLY B 244 -26.77 -5.03 9.00
C GLY B 244 -27.54 -4.67 10.25
N GLY B 245 -26.99 -5.02 11.40
CA GLY B 245 -27.63 -4.75 12.67
C GLY B 245 -28.39 -5.93 13.21
N THR B 246 -28.46 -6.02 14.54
CA THR B 246 -29.19 -7.07 15.24
C THR B 246 -30.07 -6.43 16.29
N LYS B 247 -31.39 -6.52 16.11
CA LYS B 247 -32.33 -5.97 17.07
C LYS B 247 -32.50 -6.95 18.22
N VAL B 248 -32.26 -6.50 19.45
CA VAL B 248 -32.48 -7.33 20.64
C VAL B 248 -33.82 -6.89 21.24
N GLU B 249 -34.83 -7.75 21.12
CA GLU B 249 -36.20 -7.47 21.55
C GLU B 249 -36.66 -8.32 22.73
N ILE B 250 -37.82 -7.95 23.31
CA ILE B 250 -38.42 -8.72 24.41
C ILE B 250 -38.91 -10.09 23.91
N LYS B 251 -39.08 -11.03 24.84
CA LYS B 251 -39.61 -12.34 24.51
C LYS B 251 -41.05 -12.42 25.04
N GLY B 252 -41.92 -13.08 24.30
CA GLY B 252 -43.32 -13.23 24.68
C GLY B 252 -43.53 -14.24 25.78
N GLN C 3 10.98 -3.19 -26.64
CA GLN C 3 9.54 -3.43 -26.61
C GLN C 3 9.18 -4.92 -26.35
N VAL C 4 8.15 -5.17 -25.51
CA VAL C 4 7.73 -6.54 -25.22
C VAL C 4 7.00 -7.05 -26.42
N GLN C 5 7.45 -8.19 -26.97
CA GLN C 5 6.81 -8.75 -28.14
C GLN C 5 6.66 -10.24 -28.05
N LEU C 6 5.48 -10.73 -28.42
CA LEU C 6 5.14 -12.14 -28.48
C LEU C 6 4.89 -12.46 -29.94
N VAL C 7 5.78 -13.27 -30.55
CA VAL C 7 5.60 -13.64 -31.94
C VAL C 7 5.31 -15.11 -32.04
N GLN C 8 4.14 -15.41 -32.57
CA GLN C 8 3.62 -16.75 -32.73
C GLN C 8 3.94 -17.40 -34.07
N SER C 9 3.86 -18.74 -34.11
CA SER C 9 4.05 -19.51 -35.32
C SER C 9 2.93 -19.22 -36.33
N GLY C 10 3.19 -19.58 -37.59
CA GLY C 10 2.26 -19.35 -38.67
C GLY C 10 1.06 -20.27 -38.70
N ALA C 11 0.21 -20.04 -39.71
CA ALA C 11 -1.02 -20.78 -39.95
C ALA C 11 -0.76 -22.28 -40.08
N GLU C 12 -1.70 -23.08 -39.60
CA GLU C 12 -1.59 -24.53 -39.63
C GLU C 12 -2.83 -25.16 -40.19
N VAL C 13 -2.67 -26.25 -40.96
CA VAL C 13 -3.81 -27.01 -41.45
C VAL C 13 -3.53 -28.44 -41.07
N LYS C 14 -4.39 -29.02 -40.23
CA LYS C 14 -4.23 -30.39 -39.76
C LYS C 14 -5.45 -31.25 -40.08
N LYS C 15 -5.26 -32.57 -40.09
CA LYS C 15 -6.35 -33.50 -40.29
C LYS C 15 -6.98 -33.81 -38.92
N PRO C 16 -8.26 -34.26 -38.85
CA PRO C 16 -8.82 -34.66 -37.56
C PRO C 16 -8.02 -35.81 -36.96
N GLY C 17 -7.87 -35.79 -35.66
CA GLY C 17 -7.09 -36.79 -34.93
C GLY C 17 -5.63 -36.42 -34.76
N ALA C 18 -5.14 -35.47 -35.57
CA ALA C 18 -3.76 -35.03 -35.55
C ALA C 18 -3.46 -34.05 -34.37
N SER C 19 -2.18 -33.71 -34.15
CA SER C 19 -1.80 -32.78 -33.12
C SER C 19 -1.23 -31.51 -33.75
N VAL C 20 -1.28 -30.40 -33.01
CA VAL C 20 -0.71 -29.15 -33.47
C VAL C 20 0.08 -28.52 -32.32
N LYS C 21 1.22 -27.91 -32.62
CA LYS C 21 2.02 -27.24 -31.60
C LYS C 21 2.24 -25.80 -32.03
N VAL C 22 1.71 -24.86 -31.27
CA VAL C 22 1.84 -23.44 -31.55
C VAL C 22 2.93 -22.87 -30.67
N SER C 23 3.85 -22.10 -31.26
CA SER C 23 4.92 -21.48 -30.51
C SER C 23 4.68 -19.99 -30.30
N CYS C 24 5.26 -19.43 -29.25
CA CYS C 24 5.12 -18.03 -28.89
C CYS C 24 6.50 -17.57 -28.40
N LYS C 25 7.28 -16.95 -29.29
CA LYS C 25 8.62 -16.49 -28.95
C LYS C 25 8.54 -15.13 -28.32
N THR C 26 9.11 -15.00 -27.13
CA THR C 26 9.11 -13.75 -26.40
C THR C 26 10.42 -12.97 -26.56
N SER C 27 10.31 -11.64 -26.46
CA SER C 27 11.40 -10.68 -26.51
C SER C 27 11.00 -9.45 -25.68
N GLY C 28 11.97 -8.74 -25.14
CA GLY C 28 11.68 -7.59 -24.30
C GLY C 28 11.23 -8.06 -22.93
N TYR C 29 12.10 -7.86 -21.94
CA TYR C 29 11.90 -8.26 -20.54
C TYR C 29 11.92 -9.81 -20.33
N THR C 30 12.73 -10.20 -19.32
CA THR C 30 13.02 -11.53 -18.81
C THR C 30 11.85 -12.51 -18.92
N PHE C 31 12.05 -13.55 -19.72
CA PHE C 31 11.08 -14.58 -20.03
C PHE C 31 10.49 -15.27 -18.80
N THR C 32 11.36 -15.61 -17.86
CA THR C 32 11.03 -16.34 -16.65
C THR C 32 10.14 -15.65 -15.65
N SER C 33 9.99 -14.34 -15.73
CA SER C 33 9.23 -13.59 -14.72
C SER C 33 7.74 -13.45 -14.98
N TYR C 34 7.22 -13.92 -16.11
CA TYR C 34 5.82 -13.69 -16.43
C TYR C 34 5.12 -14.90 -16.98
N ASP C 35 3.98 -15.31 -16.41
CA ASP C 35 3.22 -16.45 -16.91
C ASP C 35 2.71 -16.22 -18.31
N ILE C 36 2.60 -17.29 -19.09
CA ILE C 36 2.05 -17.22 -20.42
C ILE C 36 0.69 -17.90 -20.37
N ASN C 37 -0.33 -17.22 -20.87
CA ASN C 37 -1.67 -17.79 -20.92
C ASN C 37 -2.02 -18.07 -22.37
N TRP C 38 -2.84 -19.08 -22.61
CA TRP C 38 -3.29 -19.38 -23.95
C TRP C 38 -4.81 -19.24 -24.04
N VAL C 39 -5.26 -18.46 -25.02
CA VAL C 39 -6.68 -18.21 -25.24
C VAL C 39 -6.93 -18.46 -26.70
N ARG C 40 -8.02 -19.14 -27.03
CA ARG C 40 -8.37 -19.38 -28.41
C ARG C 40 -9.64 -18.67 -28.77
N GLN C 41 -9.87 -18.52 -30.06
CA GLN C 41 -11.08 -17.92 -30.55
C GLN C 41 -11.47 -18.56 -31.85
N ALA C 42 -12.52 -19.36 -31.80
CA ALA C 42 -13.03 -20.04 -32.97
C ALA C 42 -13.74 -19.04 -33.91
N THR C 43 -13.94 -19.45 -35.18
CA THR C 43 -14.64 -18.65 -36.18
C THR C 43 -16.08 -18.32 -35.71
N GLY C 44 -16.34 -17.03 -35.53
CA GLY C 44 -17.64 -16.53 -35.06
C GLY C 44 -17.95 -16.82 -33.60
N GLN C 45 -16.91 -17.07 -32.81
CA GLN C 45 -17.07 -17.37 -31.40
C GLN C 45 -16.38 -16.30 -30.54
N GLY C 46 -16.65 -16.34 -29.24
CA GLY C 46 -16.00 -15.48 -28.26
C GLY C 46 -14.64 -16.02 -27.85
N LEU C 47 -13.97 -15.30 -26.94
CA LEU C 47 -12.68 -15.75 -26.46
C LEU C 47 -12.84 -16.89 -25.44
N GLU C 48 -11.94 -17.89 -25.49
CA GLU C 48 -11.99 -19.08 -24.67
C GLU C 48 -10.64 -19.36 -24.02
N TRP C 49 -10.55 -19.30 -22.70
CA TRP C 49 -9.28 -19.54 -22.01
C TRP C 49 -8.94 -21.03 -22.00
N MET C 50 -7.71 -21.39 -22.37
CA MET C 50 -7.30 -22.78 -22.44
C MET C 50 -6.49 -23.22 -21.24
N GLY C 51 -5.60 -22.36 -20.81
CA GLY C 51 -4.70 -22.68 -19.72
C GLY C 51 -3.59 -21.67 -19.56
N TRP C 52 -2.75 -21.91 -18.58
CA TRP C 52 -1.64 -21.03 -18.26
C TRP C 52 -0.39 -21.84 -17.88
N MET C 53 0.77 -21.20 -17.96
CA MET C 53 2.04 -21.84 -17.65
C MET C 53 2.97 -20.80 -17.07
N ASN C 54 3.59 -21.12 -15.95
CA ASN C 54 4.53 -20.22 -15.30
C ASN C 54 5.90 -20.51 -15.90
N PRO C 55 6.48 -19.64 -16.73
CA PRO C 55 7.77 -19.92 -17.35
C PRO C 55 8.96 -20.00 -16.41
N ASN C 56 8.79 -19.63 -15.15
CA ASN C 56 9.88 -19.72 -14.18
C ASN C 56 10.05 -21.19 -13.77
N THR C 57 8.99 -21.80 -13.24
CA THR C 57 9.04 -23.16 -12.70
C THR C 57 8.47 -24.24 -13.59
N GLY C 58 7.59 -23.87 -14.49
CA GLY C 58 6.98 -24.83 -15.40
C GLY C 58 5.58 -25.27 -15.03
N ASN C 59 5.04 -24.76 -13.91
CA ASN C 59 3.68 -25.06 -13.43
C ASN C 59 2.66 -24.79 -14.51
N THR C 60 1.71 -25.70 -14.66
CA THR C 60 0.66 -25.51 -15.64
C THR C 60 -0.71 -25.79 -15.04
N GLY C 61 -1.68 -25.01 -15.48
CA GLY C 61 -3.07 -25.18 -15.12
C GLY C 61 -3.88 -25.12 -16.40
N TYR C 62 -4.86 -26.01 -16.56
CA TYR C 62 -5.67 -26.03 -17.79
C TYR C 62 -7.13 -25.96 -17.46
N ALA C 63 -7.93 -25.45 -18.40
CA ALA C 63 -9.38 -25.46 -18.23
C ALA C 63 -9.83 -26.90 -18.41
N GLN C 64 -10.85 -27.34 -17.68
CA GLN C 64 -11.33 -28.72 -17.74
C GLN C 64 -11.57 -29.24 -19.15
N LYS C 65 -12.10 -28.39 -20.00
CA LYS C 65 -12.40 -28.62 -21.41
C LYS C 65 -11.16 -29.13 -22.21
N PHE C 66 -9.97 -28.66 -21.84
CA PHE C 66 -8.74 -29.00 -22.55
C PHE C 66 -7.82 -29.95 -21.79
N GLN C 67 -8.20 -30.38 -20.57
CA GLN C 67 -7.34 -31.27 -19.79
C GLN C 67 -7.16 -32.60 -20.48
N GLY C 68 -5.93 -33.10 -20.50
CA GLY C 68 -5.63 -34.35 -21.17
C GLY C 68 -5.35 -34.23 -22.67
N ARG C 69 -5.75 -33.12 -23.28
CA ARG C 69 -5.52 -32.88 -24.70
C ARG C 69 -4.50 -31.79 -24.92
N VAL C 70 -4.35 -30.85 -23.98
CA VAL C 70 -3.46 -29.73 -24.15
C VAL C 70 -2.29 -29.79 -23.19
N ALA C 71 -1.12 -29.39 -23.68
CA ALA C 71 0.10 -29.38 -22.89
C ALA C 71 0.84 -28.10 -23.19
N MET C 72 1.13 -27.33 -22.15
CA MET C 72 1.85 -26.08 -22.29
C MET C 72 3.27 -26.26 -21.81
N THR C 73 4.24 -25.99 -22.70
CA THR C 73 5.66 -26.14 -22.42
C THR C 73 6.43 -24.83 -22.67
N ARG C 74 7.71 -24.79 -22.31
CA ARG C 74 8.56 -23.64 -22.55
C ARG C 74 9.97 -24.09 -22.80
N SER C 75 10.72 -23.31 -23.54
CA SER C 75 12.13 -23.54 -23.75
C SER C 75 12.79 -22.24 -23.34
N SER C 76 13.43 -22.25 -22.16
CA SER C 76 14.07 -21.07 -21.60
C SER C 76 15.20 -20.58 -22.48
N SER C 77 15.99 -21.53 -23.01
CA SER C 77 17.11 -21.29 -23.92
C SER C 77 16.68 -20.46 -25.13
N THR C 78 15.48 -20.71 -25.65
CA THR C 78 14.97 -19.99 -26.80
C THR C 78 13.97 -18.87 -26.45
N ARG C 79 13.67 -18.65 -25.15
CA ARG C 79 12.69 -17.65 -24.70
C ARG C 79 11.33 -17.91 -25.38
N THR C 80 10.96 -19.17 -25.55
CA THR C 80 9.76 -19.53 -26.28
C THR C 80 8.81 -20.42 -25.51
N ALA C 81 7.54 -20.08 -25.51
CA ALA C 81 6.50 -20.90 -24.91
C ALA C 81 5.80 -21.67 -26.01
N TYR C 82 5.20 -22.79 -25.66
CA TYR C 82 4.51 -23.63 -26.61
C TYR C 82 3.21 -24.14 -26.03
N MET C 83 2.24 -24.35 -26.91
CA MET C 83 0.97 -24.95 -26.56
C MET C 83 0.76 -26.06 -27.57
N GLU C 84 0.56 -27.28 -27.10
CA GLU C 84 0.31 -28.41 -27.98
C GLU C 84 -1.07 -28.94 -27.74
N LEU C 85 -1.86 -29.08 -28.81
CA LEU C 85 -3.20 -29.62 -28.72
C LEU C 85 -3.25 -30.92 -29.50
N SER C 86 -3.59 -32.01 -28.82
CA SER C 86 -3.66 -33.33 -29.43
C SER C 86 -5.08 -33.74 -29.76
N SER C 87 -5.23 -34.78 -30.61
CA SER C 87 -6.50 -35.36 -31.00
C SER C 87 -7.48 -34.29 -31.49
N LEU C 88 -7.03 -33.50 -32.46
CA LEU C 88 -7.80 -32.41 -33.03
C LEU C 88 -9.14 -32.85 -33.63
N THR C 89 -10.18 -32.07 -33.42
CA THR C 89 -11.49 -32.33 -34.03
C THR C 89 -11.89 -31.09 -34.84
N SER C 90 -12.94 -31.20 -35.64
CA SER C 90 -13.42 -30.08 -36.44
C SER C 90 -13.77 -28.86 -35.57
N GLU C 91 -14.23 -29.07 -34.33
CA GLU C 91 -14.54 -27.98 -33.40
C GLU C 91 -13.31 -27.24 -32.89
N ASP C 92 -12.10 -27.76 -33.12
CA ASP C 92 -10.88 -27.11 -32.68
C ASP C 92 -10.35 -26.06 -33.63
N THR C 93 -11.01 -25.84 -34.78
CA THR C 93 -10.59 -24.83 -35.73
C THR C 93 -10.76 -23.44 -35.11
N ALA C 94 -9.64 -22.76 -34.84
CA ALA C 94 -9.65 -21.47 -34.14
C ALA C 94 -8.33 -20.68 -34.33
N VAL C 95 -8.31 -19.40 -33.90
CA VAL C 95 -7.11 -18.59 -33.84
C VAL C 95 -6.63 -18.76 -32.40
N TYR C 96 -5.40 -19.20 -32.20
CA TYR C 96 -4.85 -19.42 -30.87
C TYR C 96 -3.94 -18.25 -30.53
N TYR C 97 -4.14 -17.63 -29.36
CA TYR C 97 -3.32 -16.50 -28.94
C TYR C 97 -2.56 -16.81 -27.68
N CYS C 98 -1.32 -16.35 -27.57
CA CYS C 98 -0.57 -16.44 -26.32
C CYS C 98 -0.64 -15.06 -25.68
N ALA C 99 -0.52 -14.98 -24.37
CA ALA C 99 -0.60 -13.71 -23.66
C ALA C 99 0.40 -13.64 -22.52
N ARG C 100 1.15 -12.51 -22.39
CA ARG C 100 2.06 -12.32 -21.28
C ARG C 100 1.23 -11.79 -20.10
N ALA C 101 1.72 -12.07 -18.91
CA ALA C 101 1.10 -11.65 -17.67
C ALA C 101 1.39 -10.18 -17.37
N GLY C 102 0.52 -9.56 -16.57
CA GLY C 102 0.64 -8.17 -16.19
C GLY C 102 1.73 -7.85 -15.20
N LEU C 103 1.56 -6.74 -14.48
CA LEU C 103 2.51 -6.28 -13.49
C LEU C 103 2.69 -7.31 -12.38
N THR C 104 1.59 -7.96 -11.96
CA THR C 104 1.66 -9.00 -10.93
C THR C 104 2.37 -10.27 -11.35
N GLY C 105 2.80 -10.36 -12.61
CA GLY C 105 3.43 -11.56 -13.14
C GLY C 105 2.49 -12.74 -13.25
N ALA C 106 1.17 -12.46 -13.21
CA ALA C 106 0.13 -13.46 -13.31
C ALA C 106 -1.17 -12.81 -13.75
N GLY C 107 -1.91 -13.53 -14.57
CA GLY C 107 -3.18 -13.03 -15.07
C GLY C 107 -3.12 -12.57 -16.50
N LEU C 108 -4.29 -12.37 -17.10
CA LEU C 108 -4.37 -11.91 -18.48
C LEU C 108 -4.08 -10.40 -18.58
N ASP C 109 -3.42 -9.96 -19.67
CA ASP C 109 -3.07 -8.54 -19.80
C ASP C 109 -3.07 -8.04 -21.25
N ASP C 110 -2.62 -6.80 -21.48
CA ASP C 110 -2.53 -6.14 -22.80
C ASP C 110 -1.54 -6.78 -23.76
N TYR C 111 -0.66 -7.65 -23.27
CA TYR C 111 0.29 -8.34 -24.11
C TYR C 111 -0.34 -9.56 -24.72
N TRP C 112 -0.31 -9.65 -26.03
CA TRP C 112 -0.89 -10.78 -26.76
C TRP C 112 -0.06 -11.06 -28.00
N GLY C 113 0.01 -12.32 -28.41
CA GLY C 113 0.67 -12.66 -29.67
C GLY C 113 -0.17 -12.19 -30.84
N GLN C 114 0.13 -12.64 -32.05
CA GLN C 114 -0.68 -12.23 -33.21
C GLN C 114 -1.82 -13.20 -33.56
N GLY C 115 -1.77 -14.40 -32.99
CA GLY C 115 -2.73 -15.45 -33.26
C GLY C 115 -2.16 -16.49 -34.20
N THR C 116 -2.74 -17.68 -34.18
CA THR C 116 -2.29 -18.76 -35.04
C THR C 116 -3.51 -19.48 -35.52
N LEU C 117 -3.74 -19.51 -36.82
CA LEU C 117 -4.92 -20.18 -37.36
C LEU C 117 -4.73 -21.67 -37.52
N VAL C 118 -5.32 -22.46 -36.64
CA VAL C 118 -5.28 -23.90 -36.79
C VAL C 118 -6.58 -24.30 -37.43
N THR C 119 -6.51 -24.84 -38.62
CA THR C 119 -7.67 -25.25 -39.37
C THR C 119 -7.67 -26.76 -39.47
N VAL C 120 -8.79 -27.41 -39.09
CA VAL C 120 -8.89 -28.87 -39.14
C VAL C 120 -9.78 -29.30 -40.30
N SER C 121 -9.20 -29.44 -41.51
CA SER C 121 -9.99 -29.83 -42.67
C SER C 121 -10.30 -31.29 -42.62
N SER C 122 -11.53 -31.65 -42.99
CA SER C 122 -11.97 -33.04 -42.98
C SER C 122 -11.55 -33.78 -44.28
N GLY C 136 -18.21 -25.80 -30.84
CA GLY C 136 -18.26 -24.43 -30.31
C GLY C 136 -18.02 -24.23 -28.81
N SER C 137 -17.69 -22.90 -28.47
CA SER C 137 -17.36 -22.23 -27.17
C SER C 137 -18.24 -22.63 -25.94
N GLY C 138 -17.67 -22.37 -24.74
CA GLY C 138 -18.38 -22.71 -23.49
C GLY C 138 -17.75 -23.76 -22.57
N GLY C 139 -17.76 -23.44 -21.26
CA GLY C 139 -17.10 -24.22 -20.21
C GLY C 139 -17.85 -25.32 -19.49
N GLY C 140 -17.79 -25.26 -18.15
CA GLY C 140 -18.42 -26.23 -17.28
C GLY C 140 -19.55 -25.67 -16.43
N ALA C 141 -20.37 -26.59 -15.90
CA ALA C 141 -21.53 -26.27 -15.06
C ALA C 141 -21.20 -25.29 -13.92
N SER C 142 -20.13 -25.61 -13.14
CA SER C 142 -19.69 -24.81 -11.99
C SER C 142 -18.78 -23.62 -12.35
N ASP C 143 -18.33 -23.53 -13.61
CA ASP C 143 -17.50 -22.41 -14.07
C ASP C 143 -18.26 -21.04 -13.86
N ILE C 144 -17.51 -19.91 -13.69
CA ILE C 144 -18.16 -18.60 -13.46
C ILE C 144 -18.79 -18.09 -14.74
N GLN C 145 -20.04 -17.66 -14.67
CA GLN C 145 -20.75 -17.20 -15.86
C GLN C 145 -20.66 -15.72 -16.07
N MET C 146 -20.05 -15.32 -17.18
CA MET C 146 -20.00 -13.91 -17.53
C MET C 146 -21.04 -13.62 -18.59
N THR C 147 -22.20 -13.20 -18.13
CA THR C 147 -23.36 -12.93 -18.97
C THR C 147 -23.34 -11.48 -19.42
N GLN C 148 -22.75 -11.24 -20.59
CA GLN C 148 -22.60 -9.90 -21.15
C GLN C 148 -23.75 -9.50 -22.06
N SER C 149 -24.33 -8.33 -21.80
CA SER C 149 -25.49 -7.83 -22.51
C SER C 149 -25.31 -6.39 -22.97
N PRO C 150 -25.67 -6.04 -24.22
CA PRO C 150 -26.23 -6.90 -25.26
C PRO C 150 -25.19 -7.58 -26.11
N SER C 151 -25.61 -8.58 -26.92
CA SER C 151 -24.67 -9.26 -27.80
C SER C 151 -24.24 -8.40 -29.01
N SER C 152 -25.03 -7.38 -29.35
CA SER C 152 -24.73 -6.47 -30.44
C SER C 152 -25.56 -5.21 -30.34
N LEU C 153 -24.95 -4.06 -30.58
CA LEU C 153 -25.66 -2.81 -30.55
C LEU C 153 -25.23 -1.94 -31.69
N SER C 154 -26.07 -0.97 -32.05
CA SER C 154 -25.74 -0.10 -33.16
C SER C 154 -26.15 1.30 -32.92
N ALA C 155 -25.26 2.06 -32.32
CA ALA C 155 -25.49 3.46 -32.03
C ALA C 155 -24.82 4.33 -33.12
N SER C 156 -25.24 5.59 -33.22
CA SER C 156 -24.61 6.52 -34.15
C SER C 156 -23.41 7.24 -33.50
N VAL C 157 -22.60 7.91 -34.29
CA VAL C 157 -21.40 8.59 -33.82
C VAL C 157 -21.70 9.60 -32.75
N GLY C 158 -21.15 9.39 -31.58
CA GLY C 158 -21.33 10.33 -30.48
C GLY C 158 -22.17 9.79 -29.34
N ASP C 159 -23.03 8.80 -29.63
CA ASP C 159 -23.90 8.17 -28.62
C ASP C 159 -23.06 7.45 -27.57
N ARG C 160 -23.52 7.43 -26.31
CA ARG C 160 -22.77 6.72 -25.26
C ARG C 160 -23.22 5.26 -25.18
N VAL C 161 -22.31 4.37 -25.57
CA VAL C 161 -22.54 2.94 -25.59
C VAL C 161 -22.36 2.41 -24.18
N THR C 162 -23.39 1.74 -23.67
CA THR C 162 -23.40 1.20 -22.31
C THR C 162 -23.40 -0.32 -22.41
N ILE C 163 -22.39 -1.01 -21.88
CA ILE C 163 -22.36 -2.47 -21.93
C ILE C 163 -22.36 -3.06 -20.53
N THR C 164 -23.25 -4.02 -20.25
CA THR C 164 -23.29 -4.68 -18.94
C THR C 164 -22.67 -6.06 -18.99
N CYS C 165 -22.10 -6.50 -17.87
CA CYS C 165 -21.49 -7.82 -17.70
C CYS C 165 -21.92 -8.32 -16.34
N GLN C 166 -22.51 -9.50 -16.31
CA GLN C 166 -23.00 -10.09 -15.08
C GLN C 166 -22.20 -11.31 -14.67
N ALA C 167 -22.00 -11.49 -13.36
CA ALA C 167 -21.23 -12.63 -12.86
C ALA C 167 -22.06 -13.51 -11.95
N SER C 168 -21.95 -14.83 -12.13
CA SER C 168 -22.64 -15.81 -11.32
C SER C 168 -22.19 -15.75 -9.85
N GLN C 169 -20.90 -15.44 -9.62
CA GLN C 169 -20.35 -15.38 -8.27
C GLN C 169 -19.67 -14.03 -8.02
N ASP C 170 -19.59 -13.62 -6.76
CA ASP C 170 -18.94 -12.36 -6.41
C ASP C 170 -17.46 -12.47 -6.69
N ILE C 171 -16.98 -11.69 -7.64
CA ILE C 171 -15.56 -11.69 -8.01
C ILE C 171 -14.86 -10.38 -7.65
N ARG C 172 -15.41 -9.65 -6.65
CA ARG C 172 -14.96 -8.36 -6.14
C ARG C 172 -14.67 -7.41 -7.32
N LYS C 173 -13.40 -7.21 -7.70
CA LYS C 173 -13.12 -6.38 -8.87
C LYS C 173 -12.18 -7.04 -9.83
N TYR C 174 -12.07 -8.38 -9.83
CA TYR C 174 -11.15 -9.06 -10.73
C TYR C 174 -11.76 -9.26 -12.09
N LEU C 175 -11.80 -8.17 -12.85
CA LEU C 175 -12.40 -8.11 -14.17
C LEU C 175 -11.61 -7.19 -15.10
N ASN C 176 -11.44 -7.63 -16.33
CA ASN C 176 -10.80 -6.84 -17.36
C ASN C 176 -11.84 -6.57 -18.43
N TRP C 177 -11.69 -5.46 -19.17
CA TRP C 177 -12.59 -5.13 -20.25
C TRP C 177 -11.75 -5.03 -21.52
N TYR C 178 -11.96 -5.94 -22.47
CA TYR C 178 -11.17 -5.96 -23.68
C TYR C 178 -11.92 -5.45 -24.89
N GLN C 179 -11.20 -4.83 -25.83
CA GLN C 179 -11.76 -4.38 -27.10
C GLN C 179 -11.02 -5.20 -28.15
N GLN C 180 -11.73 -5.98 -28.95
CA GLN C 180 -11.07 -6.78 -29.98
C GLN C 180 -11.50 -6.35 -31.36
N LYS C 181 -10.56 -5.82 -32.11
CA LYS C 181 -10.82 -5.38 -33.48
C LYS C 181 -10.81 -6.60 -34.42
N PRO C 182 -11.37 -6.48 -35.65
CA PRO C 182 -11.40 -7.64 -36.55
C PRO C 182 -10.01 -8.08 -36.97
N GLY C 183 -9.77 -9.38 -36.88
CA GLY C 183 -8.49 -9.97 -37.26
C GLY C 183 -7.30 -9.55 -36.43
N LYS C 184 -7.57 -9.00 -35.24
CA LYS C 184 -6.51 -8.53 -34.36
C LYS C 184 -6.64 -9.21 -32.99
N ALA C 185 -5.58 -9.13 -32.19
CA ALA C 185 -5.60 -9.64 -30.82
C ALA C 185 -6.36 -8.62 -29.95
N PRO C 186 -6.86 -9.05 -28.78
CA PRO C 186 -7.63 -8.12 -27.93
C PRO C 186 -6.75 -7.08 -27.25
N LYS C 187 -7.26 -5.86 -27.13
CA LYS C 187 -6.58 -4.75 -26.48
C LYS C 187 -7.28 -4.50 -25.16
N LEU C 188 -6.50 -4.43 -24.10
CA LEU C 188 -7.03 -4.21 -22.77
C LEU C 188 -7.39 -2.76 -22.59
N LEU C 189 -8.63 -2.50 -22.18
CA LEU C 189 -9.12 -1.14 -21.98
C LEU C 189 -9.20 -0.78 -20.50
N ILE C 190 -9.73 -1.69 -19.68
CA ILE C 190 -9.90 -1.43 -18.26
C ILE C 190 -9.42 -2.62 -17.48
N TYR C 191 -8.54 -2.40 -16.51
CA TYR C 191 -8.07 -3.47 -15.65
C TYR C 191 -8.57 -3.28 -14.22
N ASP C 192 -8.83 -4.37 -13.51
CA ASP C 192 -9.33 -4.30 -12.15
C ASP C 192 -10.66 -3.58 -12.07
N ALA C 193 -11.54 -3.86 -13.04
CA ALA C 193 -12.91 -3.40 -13.18
C ALA C 193 -13.13 -1.92 -13.40
N SER C 194 -12.24 -1.05 -12.91
CA SER C 194 -12.43 0.39 -13.08
C SER C 194 -11.19 1.19 -13.52
N ASN C 195 -9.94 0.65 -13.37
CA ASN C 195 -8.73 1.38 -13.79
C ASN C 195 -8.60 1.42 -15.26
N LEU C 196 -8.35 2.59 -15.83
CA LEU C 196 -8.19 2.73 -17.28
C LEU C 196 -6.78 2.36 -17.65
N GLN C 197 -6.63 1.52 -18.66
CA GLN C 197 -5.32 1.12 -19.13
C GLN C 197 -4.64 2.33 -19.79
N THR C 198 -3.35 2.51 -19.57
CA THR C 198 -2.55 3.58 -20.15
C THR C 198 -2.66 3.60 -21.67
N GLY C 199 -2.86 4.78 -22.23
CA GLY C 199 -2.97 4.92 -23.68
C GLY C 199 -4.39 4.78 -24.20
N VAL C 200 -5.20 4.01 -23.49
CA VAL C 200 -6.60 3.83 -23.81
C VAL C 200 -7.31 5.14 -23.51
N PRO C 201 -8.09 5.66 -24.47
CA PRO C 201 -8.72 6.96 -24.27
C PRO C 201 -9.67 7.02 -23.07
N SER C 202 -9.48 8.07 -22.28
CA SER C 202 -10.19 8.41 -21.06
C SER C 202 -11.67 8.25 -21.12
N ARG C 203 -12.25 8.35 -22.31
CA ARG C 203 -13.69 8.22 -22.49
C ARG C 203 -14.23 6.78 -22.32
N PHE C 204 -13.35 5.80 -22.11
CA PHE C 204 -13.74 4.43 -21.85
C PHE C 204 -13.80 4.27 -20.35
N SER C 205 -14.99 3.98 -19.83
CA SER C 205 -15.19 3.88 -18.40
C SER C 205 -15.32 2.48 -17.89
N GLY C 206 -14.68 2.23 -16.78
CA GLY C 206 -14.82 0.97 -16.08
C GLY C 206 -15.62 1.25 -14.83
N SER C 207 -16.68 0.47 -14.60
CA SER C 207 -17.51 0.66 -13.42
C SER C 207 -18.09 -0.65 -12.95
N GLY C 208 -18.35 -0.75 -11.66
CA GLY C 208 -18.94 -1.95 -11.10
C GLY C 208 -18.06 -2.75 -10.16
N SER C 209 -18.71 -3.47 -9.23
CA SER C 209 -18.04 -4.30 -8.24
C SER C 209 -18.97 -5.45 -7.86
N GLY C 210 -18.41 -6.63 -7.70
CA GLY C 210 -19.18 -7.79 -7.25
C GLY C 210 -19.69 -8.71 -8.33
N THR C 211 -20.98 -8.61 -8.62
CA THR C 211 -21.60 -9.41 -9.66
C THR C 211 -22.13 -8.57 -10.81
N ASP C 212 -22.16 -7.23 -10.69
CA ASP C 212 -22.59 -6.37 -11.78
C ASP C 212 -21.46 -5.46 -12.22
N PHE C 213 -21.18 -5.47 -13.52
CA PHE C 213 -20.15 -4.62 -14.08
C PHE C 213 -20.69 -3.90 -15.30
N THR C 214 -20.15 -2.72 -15.59
CA THR C 214 -20.63 -1.92 -16.70
C THR C 214 -19.53 -1.11 -17.36
N LEU C 215 -19.23 -1.42 -18.60
CA LEU C 215 -18.26 -0.65 -19.39
C LEU C 215 -19.06 0.45 -20.11
N THR C 216 -18.48 1.65 -20.29
CA THR C 216 -19.21 2.70 -20.97
C THR C 216 -18.35 3.52 -21.87
N ILE C 217 -18.47 3.29 -23.17
CA ILE C 217 -17.77 4.12 -24.15
C ILE C 217 -18.63 5.36 -24.24
N SER C 218 -18.07 6.56 -24.04
CA SER C 218 -18.93 7.77 -24.04
C SER C 218 -19.03 8.43 -25.44
N ARG C 219 -18.10 9.31 -25.85
CA ARG C 219 -18.20 9.91 -27.18
C ARG C 219 -17.80 8.81 -28.16
N LEU C 220 -18.79 8.23 -28.82
CA LEU C 220 -18.52 7.13 -29.74
C LEU C 220 -17.84 7.63 -31.00
N GLN C 221 -16.59 7.26 -31.19
CA GLN C 221 -15.85 7.62 -32.39
C GLN C 221 -15.68 6.36 -33.25
N PRO C 222 -15.66 6.48 -34.58
CA PRO C 222 -15.59 5.27 -35.43
C PRO C 222 -14.43 4.31 -35.18
N GLU C 223 -13.33 4.78 -34.58
CA GLU C 223 -12.22 3.88 -34.24
C GLU C 223 -12.56 2.99 -33.04
N ASP C 224 -13.82 2.99 -32.57
CA ASP C 224 -14.26 2.13 -31.49
C ASP C 224 -15.10 0.96 -32.01
N ILE C 225 -15.41 0.92 -33.33
CA ILE C 225 -16.19 -0.13 -33.93
C ILE C 225 -15.44 -1.44 -33.85
N ALA C 226 -15.76 -2.22 -32.81
CA ALA C 226 -15.11 -3.48 -32.50
C ALA C 226 -16.01 -4.29 -31.53
N THR C 227 -15.68 -5.58 -31.29
CA THR C 227 -16.40 -6.43 -30.35
C THR C 227 -15.74 -6.27 -28.96
N TYR C 228 -16.53 -6.28 -27.88
CA TYR C 228 -15.99 -6.09 -26.54
C TYR C 228 -16.25 -7.28 -25.65
N TYR C 229 -15.28 -7.66 -24.81
CA TYR C 229 -15.43 -8.80 -23.90
C TYR C 229 -15.07 -8.43 -22.46
N CYS C 230 -15.55 -9.19 -21.49
CA CYS C 230 -15.20 -8.97 -20.10
C CYS C 230 -14.58 -10.23 -19.56
N GLN C 231 -13.28 -10.23 -19.28
CA GLN C 231 -12.61 -11.43 -18.75
C GLN C 231 -12.57 -11.36 -17.24
N GLN C 232 -12.87 -12.46 -16.54
CA GLN C 232 -12.84 -12.45 -15.09
C GLN C 232 -11.66 -13.21 -14.53
N TYR C 233 -11.21 -12.86 -13.32
CA TYR C 233 -10.11 -13.60 -12.68
C TYR C 233 -10.29 -13.65 -11.17
N GLY C 234 -11.52 -13.83 -10.75
CA GLY C 234 -11.84 -13.94 -9.33
C GLY C 234 -11.90 -15.38 -8.82
N ASP C 235 -11.45 -16.31 -9.66
CA ASP C 235 -11.45 -17.74 -9.47
C ASP C 235 -11.16 -18.35 -10.84
N LEU C 236 -10.60 -19.54 -10.86
CA LEU C 236 -10.32 -20.21 -12.12
C LEU C 236 -11.47 -21.18 -12.51
N PRO C 237 -11.64 -21.48 -13.81
CA PRO C 237 -10.89 -20.99 -14.96
C PRO C 237 -11.30 -19.57 -15.36
N LEU C 238 -10.48 -18.90 -16.17
CA LEU C 238 -10.78 -17.55 -16.62
C LEU C 238 -11.93 -17.62 -17.62
N THR C 239 -13.03 -16.90 -17.35
CA THR C 239 -14.16 -16.92 -18.27
C THR C 239 -14.36 -15.57 -18.89
N PHE C 240 -14.50 -15.50 -20.21
CA PHE C 240 -14.75 -14.25 -20.95
C PHE C 240 -16.25 -14.03 -21.08
N GLY C 241 -16.65 -12.79 -21.33
CA GLY C 241 -18.05 -12.48 -21.54
C GLY C 241 -18.51 -12.98 -22.90
N GLY C 242 -19.79 -12.76 -23.20
CA GLY C 242 -20.34 -13.17 -24.49
C GLY C 242 -19.72 -12.38 -25.64
N GLY C 243 -19.82 -11.08 -25.52
CA GLY C 243 -19.29 -10.16 -26.50
C GLY C 243 -20.38 -9.22 -26.98
N THR C 244 -19.99 -8.00 -27.30
CA THR C 244 -20.93 -7.02 -27.82
C THR C 244 -20.35 -6.49 -29.09
N LYS C 245 -21.01 -6.70 -30.23
CA LYS C 245 -20.50 -6.15 -31.48
C LYS C 245 -21.03 -4.77 -31.61
N VAL C 246 -20.17 -3.78 -31.39
CA VAL C 246 -20.57 -2.39 -31.48
C VAL C 246 -20.37 -1.94 -32.90
N GLY C 247 -21.40 -1.41 -33.52
CA GLY C 247 -21.33 -0.93 -34.90
C GLY C 247 -22.00 0.41 -35.06
N ILE C 248 -21.61 1.18 -36.09
CA ILE C 248 -22.19 2.50 -36.30
C ILE C 248 -23.26 2.45 -37.41
N THR C 249 -24.36 3.21 -37.23
CA THR C 249 -25.47 3.25 -38.17
C THR C 249 -25.45 4.44 -39.14
N GLY C 250 -25.41 4.13 -40.44
CA GLY C 250 -25.38 5.12 -41.52
C GLY C 250 -26.66 5.27 -42.31
N PRO C 251 -26.60 5.93 -43.50
CA PRO C 251 -27.83 6.15 -44.28
C PRO C 251 -28.25 5.01 -45.22
N GLN D 3 32.42 -7.16 0.19
CA GLN D 3 31.50 -6.57 1.17
C GLN D 3 31.63 -5.05 1.20
N VAL D 4 30.51 -4.36 1.40
CA VAL D 4 30.49 -2.89 1.48
C VAL D 4 31.22 -2.45 2.74
N GLN D 5 32.21 -1.52 2.60
CA GLN D 5 33.02 -1.00 3.71
C GLN D 5 33.40 0.49 3.55
N LEU D 6 33.47 1.22 4.68
CA LEU D 6 33.93 2.62 4.73
C LEU D 6 35.12 2.65 5.68
N VAL D 7 36.35 2.76 5.15
CA VAL D 7 37.57 2.76 5.96
C VAL D 7 38.22 4.12 6.00
N GLN D 8 38.38 4.68 7.19
CA GLN D 8 39.03 5.98 7.34
C GLN D 8 40.55 5.88 7.64
N SER D 9 41.29 6.98 7.42
CA SER D 9 42.72 7.05 7.71
C SER D 9 42.97 6.98 9.23
N GLY D 10 44.18 6.63 9.62
CA GLY D 10 44.57 6.52 11.02
C GLY D 10 44.57 7.85 11.76
N ALA D 11 44.57 7.81 13.09
CA ALA D 11 44.56 9.02 13.93
C ALA D 11 45.73 9.95 13.62
N GLU D 12 45.49 11.27 13.69
CA GLU D 12 46.54 12.24 13.41
C GLU D 12 46.72 13.24 14.55
N VAL D 13 47.96 13.65 14.79
CA VAL D 13 48.26 14.64 15.81
C VAL D 13 48.80 15.88 15.10
N LYS D 14 48.17 17.03 15.34
CA LYS D 14 48.58 18.28 14.68
C LYS D 14 48.83 19.40 15.70
N LYS D 15 49.54 20.44 15.27
CA LYS D 15 49.79 21.62 16.08
C LYS D 15 48.69 22.65 15.80
N PRO D 16 48.38 23.56 16.75
CA PRO D 16 47.37 24.60 16.47
C PRO D 16 47.78 25.45 15.28
N GLY D 17 46.82 25.79 14.43
CA GLY D 17 47.06 26.57 13.22
C GLY D 17 47.28 25.72 11.98
N ALA D 18 47.67 24.46 12.17
CA ALA D 18 47.93 23.54 11.06
C ALA D 18 46.60 23.02 10.41
N SER D 19 46.70 22.27 9.28
CA SER D 19 45.56 21.67 8.63
C SER D 19 45.65 20.14 8.73
N VAL D 20 44.49 19.47 8.76
CA VAL D 20 44.41 18.00 8.79
C VAL D 20 43.53 17.53 7.65
N LYS D 21 43.90 16.43 7.00
CA LYS D 21 43.13 15.86 5.92
C LYS D 21 42.81 14.41 6.22
N VAL D 22 41.53 14.11 6.47
CA VAL D 22 41.06 12.76 6.77
C VAL D 22 40.54 12.10 5.49
N SER D 23 40.93 10.85 5.25
CA SER D 23 40.46 10.12 4.09
C SER D 23 39.39 9.09 4.50
N CYS D 24 38.52 8.73 3.56
CA CYS D 24 37.46 7.76 3.73
C CYS D 24 37.38 6.90 2.48
N LYS D 25 38.05 5.75 2.48
CA LYS D 25 38.07 4.84 1.35
C LYS D 25 36.84 3.92 1.38
N ALA D 26 36.07 3.93 0.29
CA ALA D 26 34.86 3.11 0.18
C ALA D 26 35.09 1.93 -0.75
N SER D 27 34.47 0.78 -0.45
CA SER D 27 34.60 -0.41 -1.28
C SER D 27 33.30 -1.22 -1.27
N GLY D 28 33.14 -2.11 -2.25
CA GLY D 28 31.96 -2.97 -2.33
C GLY D 28 30.76 -2.40 -3.06
N TYR D 29 30.83 -1.13 -3.48
CA TYR D 29 29.72 -0.50 -4.20
C TYR D 29 30.21 0.55 -5.22
N ASP D 30 29.31 1.04 -6.10
CA ASP D 30 29.69 2.08 -7.06
C ASP D 30 29.74 3.40 -6.35
N PHE D 31 30.95 3.90 -6.12
CA PHE D 31 31.25 5.13 -5.38
C PHE D 31 30.40 6.34 -5.76
N SER D 32 30.16 6.56 -7.06
CA SER D 32 29.42 7.71 -7.55
C SER D 32 27.92 7.69 -7.29
N ARG D 33 27.37 6.56 -6.86
CA ARG D 33 25.93 6.45 -6.65
C ARG D 33 25.42 7.04 -5.32
N PHE D 34 26.30 7.28 -4.34
CA PHE D 34 25.86 7.78 -3.04
C PHE D 34 26.64 8.99 -2.50
N SER D 35 25.97 9.85 -1.70
CA SER D 35 26.60 11.04 -1.09
C SER D 35 27.36 10.66 0.19
N ILE D 36 28.45 11.39 0.50
CA ILE D 36 29.24 11.17 1.69
C ILE D 36 29.10 12.35 2.65
N HIS D 37 28.70 12.08 3.88
CA HIS D 37 28.59 13.08 4.93
C HIS D 37 29.79 12.97 5.87
N TRP D 38 30.12 14.07 6.56
CA TRP D 38 31.17 14.11 7.58
C TRP D 38 30.58 14.65 8.88
N VAL D 39 30.77 13.91 9.97
CA VAL D 39 30.28 14.21 11.30
C VAL D 39 31.45 14.08 12.28
N ARG D 40 31.54 14.96 13.28
CA ARG D 40 32.59 14.86 14.29
C ARG D 40 32.02 14.69 15.71
N GLN D 41 32.84 14.19 16.63
CA GLN D 41 32.43 14.01 18.01
C GLN D 41 33.61 14.29 18.94
N ALA D 42 33.58 15.41 19.66
CA ALA D 42 34.62 15.72 20.64
C ALA D 42 34.52 14.72 21.82
N PRO D 43 35.63 14.39 22.49
CA PRO D 43 35.56 13.41 23.59
C PRO D 43 34.58 13.78 24.70
N GLY D 44 33.63 12.89 24.97
CA GLY D 44 32.60 13.13 25.96
C GLY D 44 31.47 14.03 25.50
N GLN D 45 31.51 14.47 24.22
CA GLN D 45 30.51 15.35 23.64
C GLN D 45 29.58 14.59 22.66
N ARG D 46 28.55 15.28 22.15
CA ARG D 46 27.62 14.67 21.20
C ARG D 46 28.16 14.73 19.75
N LEU D 47 27.37 14.23 18.78
CA LEU D 47 27.77 14.26 17.38
C LEU D 47 27.43 15.65 16.76
N GLU D 48 28.25 16.07 15.80
CA GLU D 48 28.11 17.36 15.14
C GLU D 48 28.33 17.22 13.63
N TRP D 49 27.30 17.53 12.83
CA TRP D 49 27.39 17.42 11.37
C TRP D 49 28.24 18.53 10.78
N MET D 50 29.14 18.18 9.87
CA MET D 50 30.07 19.13 9.24
C MET D 50 29.69 19.50 7.81
N GLY D 51 29.21 18.53 7.05
CA GLY D 51 28.83 18.77 5.66
C GLY D 51 28.58 17.52 4.84
N TRP D 52 28.14 17.70 3.59
CA TRP D 52 27.89 16.61 2.65
C TRP D 52 28.53 16.88 1.30
N LEU D 53 28.83 15.80 0.57
CA LEU D 53 29.43 15.90 -0.75
C LEU D 53 28.85 14.85 -1.70
N ILE D 54 28.39 15.28 -2.89
CA ILE D 54 27.91 14.34 -3.90
C ILE D 54 29.06 13.90 -4.80
N THR D 55 29.46 12.62 -4.65
CA THR D 55 30.55 11.95 -5.35
C THR D 55 30.43 11.90 -6.88
N GLY D 56 29.25 12.23 -7.40
CA GLY D 56 29.03 12.22 -8.83
C GLY D 56 29.57 13.48 -9.49
N ASN D 57 29.00 14.62 -9.14
CA ASN D 57 29.39 15.88 -9.75
C ASN D 57 30.38 16.68 -8.92
N GLY D 58 30.23 16.62 -7.60
CA GLY D 58 31.16 17.30 -6.72
C GLY D 58 30.61 18.44 -5.91
N ASP D 59 29.30 18.64 -5.94
CA ASP D 59 28.70 19.71 -5.14
C ASP D 59 28.83 19.40 -3.66
N ALA D 60 29.08 20.44 -2.87
CA ALA D 60 29.24 20.28 -1.43
C ALA D 60 28.42 21.33 -0.71
N LYS D 61 27.99 20.98 0.50
CA LYS D 61 27.29 21.90 1.39
C LYS D 61 27.83 21.67 2.79
N TYR D 62 28.27 22.76 3.44
CA TYR D 62 28.88 22.69 4.76
C TYR D 62 27.99 23.33 5.82
N SER D 63 28.11 22.85 7.07
CA SER D 63 27.40 23.44 8.20
C SER D 63 28.03 24.83 8.45
N GLN D 64 27.22 25.85 8.77
CA GLN D 64 27.66 27.23 8.97
C GLN D 64 28.93 27.40 9.82
N LYS D 65 29.04 26.64 10.91
CA LYS D 65 30.18 26.63 11.84
C LYS D 65 31.52 26.31 11.18
N PHE D 66 31.48 25.52 10.11
CA PHE D 66 32.70 25.10 9.41
C PHE D 66 32.95 25.80 8.08
N GLN D 67 32.04 26.68 7.65
CA GLN D 67 32.18 27.43 6.40
C GLN D 67 33.45 28.26 6.42
N GLY D 68 34.28 28.09 5.40
CA GLY D 68 35.56 28.79 5.32
C GLY D 68 36.72 28.04 5.96
N ARG D 69 36.44 27.04 6.79
CA ARG D 69 37.49 26.25 7.44
C ARG D 69 37.62 24.83 6.84
N VAL D 70 36.52 24.30 6.30
CA VAL D 70 36.50 22.93 5.79
C VAL D 70 36.41 22.85 4.26
N THR D 71 37.03 21.81 3.69
CA THR D 71 36.99 21.51 2.26
C THR D 71 36.74 20.01 2.08
N ILE D 72 35.62 19.65 1.44
CA ILE D 72 35.29 18.25 1.21
C ILE D 72 35.51 17.91 -0.27
N SER D 73 36.40 16.94 -0.55
CA SER D 73 36.75 16.55 -1.91
C SER D 73 36.66 15.03 -2.13
N ARG D 74 36.93 14.56 -3.36
CA ARG D 74 36.88 13.12 -3.65
C ARG D 74 37.91 12.74 -4.72
N ASN D 75 38.26 11.45 -4.75
CA ASN D 75 39.10 10.87 -5.77
C ASN D 75 38.25 9.74 -6.32
N ILE D 76 37.67 9.95 -7.50
CA ILE D 76 36.80 8.97 -8.14
C ILE D 76 37.57 7.70 -8.52
N SER D 77 38.82 7.85 -8.95
CA SER D 77 39.66 6.72 -9.34
C SER D 77 39.97 5.78 -8.17
N ALA D 78 40.22 6.34 -6.98
CA ALA D 78 40.50 5.52 -5.80
C ALA D 78 39.28 5.26 -4.90
N SER D 79 38.10 5.79 -5.27
CA SER D 79 36.84 5.69 -4.54
C SER D 79 37.01 6.18 -3.11
N THR D 80 37.72 7.30 -2.95
CA THR D 80 38.00 7.84 -1.63
C THR D 80 37.47 9.25 -1.48
N ALA D 81 36.81 9.52 -0.36
CA ALA D 81 36.34 10.86 -0.02
C ALA D 81 37.35 11.51 0.95
N TYR D 82 37.51 12.83 0.92
CA TYR D 82 38.44 13.53 1.80
C TYR D 82 37.78 14.70 2.48
N MET D 83 38.14 14.95 3.72
CA MET D 83 37.67 16.10 4.47
C MET D 83 38.89 16.80 5.06
N GLU D 84 39.11 18.08 4.70
CA GLU D 84 40.25 18.84 5.17
C GLU D 84 39.79 19.99 6.04
N VAL D 85 40.37 20.12 7.24
CA VAL D 85 40.05 21.21 8.17
C VAL D 85 41.29 22.04 8.42
N THR D 86 41.20 23.36 8.20
CA THR D 86 42.30 24.32 8.39
C THR D 86 42.15 25.08 9.73
N ASN D 87 43.22 25.80 10.15
CA ASN D 87 43.26 26.61 11.39
C ASN D 87 42.80 25.81 12.60
N LEU D 88 43.42 24.64 12.80
CA LEU D 88 43.06 23.75 13.89
C LEU D 88 43.31 24.36 15.26
N ARG D 89 42.39 24.12 16.18
CA ARG D 89 42.48 24.57 17.57
C ARG D 89 42.25 23.37 18.50
N SER D 90 42.45 23.54 19.81
CA SER D 90 42.22 22.47 20.78
C SER D 90 40.74 22.01 20.76
N GLU D 91 39.82 22.90 20.39
CA GLU D 91 38.40 22.59 20.28
C GLU D 91 38.07 21.63 19.12
N ASP D 92 38.96 21.52 18.14
CA ASP D 92 38.80 20.60 17.02
C ASP D 92 39.28 19.16 17.35
N SER D 93 39.73 18.90 18.59
CA SER D 93 40.14 17.57 19.01
C SER D 93 38.88 16.72 19.10
N ALA D 94 38.68 15.83 18.11
CA ALA D 94 37.46 15.04 18.01
C ALA D 94 37.65 13.79 17.16
N VAL D 95 36.71 12.82 17.23
CA VAL D 95 36.69 11.66 16.36
C VAL D 95 35.87 12.12 15.16
N TYR D 96 36.44 12.09 13.97
CA TYR D 96 35.75 12.49 12.75
C TYR D 96 35.26 11.24 12.03
N TYR D 97 33.99 11.23 11.60
CA TYR D 97 33.36 10.11 10.92
C TYR D 97 32.87 10.47 9.52
N CYS D 98 33.07 9.56 8.57
CA CYS D 98 32.48 9.69 7.25
C CYS D 98 31.29 8.73 7.27
N SER D 99 30.21 9.11 6.59
CA SER D 99 29.01 8.28 6.54
C SER D 99 28.37 8.34 5.16
N ARG D 100 27.84 7.21 4.68
CA ARG D 100 27.13 7.17 3.40
C ARG D 100 25.72 7.72 3.63
N ASP D 101 25.20 8.43 2.64
CA ASP D 101 23.93 9.12 2.66
C ASP D 101 22.64 8.30 3.03
N PRO D 102 22.36 7.03 2.59
CA PRO D 102 21.08 6.39 2.99
C PRO D 102 21.08 6.03 4.47
N VAL D 103 20.31 6.74 5.29
CA VAL D 103 20.34 6.53 6.73
C VAL D 103 19.97 5.09 7.12
N ALA D 104 19.06 4.46 6.34
CA ALA D 104 18.67 3.07 6.56
C ALA D 104 19.81 2.08 6.31
N ALA D 105 20.82 2.46 5.49
CA ALA D 105 21.98 1.59 5.23
C ALA D 105 22.87 1.48 6.46
N GLY D 106 23.00 2.59 7.19
CA GLY D 106 23.81 2.68 8.40
C GLY D 106 25.29 2.51 8.12
N LEU D 107 25.75 3.02 6.96
CA LEU D 107 27.15 2.87 6.61
C LEU D 107 27.96 4.05 7.15
N TRP D 108 28.92 3.75 8.04
CA TRP D 108 29.80 4.74 8.69
C TRP D 108 31.24 4.21 8.76
N GLY D 109 32.20 5.13 8.79
CA GLY D 109 33.61 4.79 8.96
C GLY D 109 33.93 4.54 10.42
N GLN D 110 35.11 3.95 10.71
CA GLN D 110 35.48 3.63 12.09
C GLN D 110 35.91 4.86 12.94
N GLY D 111 36.00 6.02 12.33
CA GLY D 111 36.38 7.24 13.03
C GLY D 111 37.86 7.54 12.94
N THR D 112 38.20 8.83 13.08
CA THR D 112 39.60 9.29 13.03
C THR D 112 39.77 10.43 14.04
N LEU D 113 40.39 10.13 15.21
CA LEU D 113 40.60 11.10 16.29
C LEU D 113 41.77 12.05 16.05
N VAL D 114 41.47 13.30 15.68
CA VAL D 114 42.52 14.28 15.45
C VAL D 114 42.82 14.93 16.78
N THR D 115 43.89 14.47 17.43
CA THR D 115 44.29 15.04 18.72
C THR D 115 45.14 16.28 18.44
N VAL D 116 44.61 17.48 18.73
CA VAL D 116 45.31 18.74 18.47
C VAL D 116 45.82 19.40 19.75
N SER D 117 47.15 19.55 19.86
CA SER D 117 47.78 20.19 21.02
C SER D 117 48.91 21.10 20.56
N ILE D 140 17.64 22.69 14.58
CA ILE D 140 16.70 21.91 15.37
C ILE D 140 17.35 21.36 16.64
N LEU D 141 17.12 22.04 17.78
CA LEU D 141 17.68 21.67 19.08
C LEU D 141 17.16 20.32 19.56
N LEU D 142 17.95 19.24 19.37
CA LEU D 142 17.52 17.93 19.83
C LEU D 142 17.93 17.68 21.27
N THR D 143 16.94 17.73 22.17
CA THR D 143 17.12 17.56 23.61
C THR D 143 16.86 16.12 24.04
N GLN D 144 17.88 15.27 23.96
CA GLN D 144 17.74 13.87 24.36
C GLN D 144 17.65 13.75 25.88
N SER D 145 16.49 13.31 26.37
CA SER D 145 16.24 13.16 27.81
C SER D 145 15.89 11.73 28.23
N PRO D 146 16.50 11.17 29.30
CA PRO D 146 17.53 11.78 30.16
C PRO D 146 18.96 11.66 29.59
N GLY D 147 19.92 12.27 30.28
CA GLY D 147 21.31 12.24 29.87
C GLY D 147 21.98 10.93 30.24
N THR D 148 21.63 10.37 31.41
CA THR D 148 22.18 9.12 31.91
C THR D 148 21.18 8.47 32.86
N LEU D 149 21.00 7.14 32.76
CA LEU D 149 20.11 6.42 33.67
C LEU D 149 20.58 4.99 33.89
N SER D 150 20.79 4.60 35.15
CA SER D 150 21.25 3.24 35.47
C SER D 150 20.08 2.29 35.68
N LEU D 151 20.28 1.03 35.28
CA LEU D 151 19.30 -0.06 35.41
C LEU D 151 20.01 -1.45 35.42
N SER D 152 19.26 -2.53 35.70
CA SER D 152 19.76 -3.90 35.76
C SER D 152 19.08 -4.78 34.69
N PRO D 153 19.75 -5.86 34.21
CA PRO D 153 19.14 -6.68 33.16
C PRO D 153 17.76 -7.26 33.46
N GLY D 154 16.80 -6.88 32.64
CA GLY D 154 15.41 -7.32 32.78
C GLY D 154 14.46 -6.17 33.05
N GLU D 155 14.78 -4.98 32.51
CA GLU D 155 13.97 -3.79 32.71
C GLU D 155 13.68 -3.02 31.41
N ARG D 156 12.79 -2.02 31.46
CA ARG D 156 12.39 -1.23 30.29
C ARG D 156 12.97 0.18 30.29
N ALA D 157 13.92 0.45 29.40
CA ALA D 157 14.50 1.78 29.28
C ALA D 157 13.56 2.64 28.45
N THR D 158 13.10 3.75 28.99
CA THR D 158 12.18 4.63 28.27
C THR D 158 12.88 5.92 27.84
N LEU D 159 13.87 5.82 26.93
CA LEU D 159 14.64 6.96 26.41
C LEU D 159 13.73 7.95 25.67
N SER D 160 14.10 9.25 25.65
CA SER D 160 13.28 10.25 24.94
C SER D 160 14.10 11.22 24.13
N CYS D 161 13.51 11.76 23.06
CA CYS D 161 14.14 12.76 22.21
C CYS D 161 13.10 13.78 21.80
N ARG D 162 13.34 15.05 22.11
CA ARG D 162 12.42 16.12 21.74
C ARG D 162 13.12 17.13 20.82
N ALA D 163 12.38 17.72 19.88
CA ALA D 163 12.95 18.67 18.94
C ALA D 163 12.36 20.08 19.11
N SER D 164 13.15 21.11 18.86
CA SER D 164 12.68 22.49 18.97
C SER D 164 11.74 22.81 17.82
N GLN D 165 12.18 22.53 16.58
CA GLN D 165 11.39 22.73 15.36
C GLN D 165 10.63 21.43 15.04
N PHE D 166 9.69 21.45 14.06
CA PHE D 166 8.94 20.26 13.72
C PHE D 166 9.73 19.31 12.82
N VAL D 167 10.00 18.10 13.31
CA VAL D 167 10.72 17.10 12.52
C VAL D 167 9.75 16.04 11.99
N SER D 168 9.89 15.70 10.70
CA SER D 168 9.07 14.72 10.03
C SER D 168 9.35 13.33 10.59
N SER D 169 8.29 12.53 10.83
CA SER D 169 8.35 11.17 11.37
C SER D 169 9.34 10.28 10.62
N THR D 170 9.42 10.46 9.31
CA THR D 170 10.30 9.71 8.43
C THR D 170 11.77 10.02 8.62
N TYR D 171 12.08 11.21 9.16
CA TYR D 171 13.47 11.66 9.30
C TYR D 171 14.06 11.56 10.69
N LEU D 172 13.50 10.71 11.56
CA LEU D 172 14.08 10.50 12.88
C LEU D 172 14.85 9.17 12.88
N ALA D 173 16.03 9.17 13.51
CA ALA D 173 16.88 7.99 13.61
C ALA D 173 17.36 7.72 15.05
N TRP D 174 17.78 6.49 15.33
CA TRP D 174 18.31 6.07 16.62
C TRP D 174 19.57 5.27 16.36
N TYR D 175 20.63 5.56 17.11
CA TYR D 175 21.92 4.89 16.99
C TYR D 175 22.37 4.35 18.35
N GLN D 176 23.24 3.35 18.33
CA GLN D 176 23.84 2.76 19.51
C GLN D 176 25.32 3.08 19.45
N HIS D 177 25.72 4.23 20.01
CA HIS D 177 27.11 4.62 20.00
C HIS D 177 27.90 3.89 21.06
N LYS D 178 28.68 2.91 20.62
CA LYS D 178 29.55 2.15 21.49
C LYS D 178 30.83 2.96 21.73
N PRO D 179 31.57 2.67 22.81
CA PRO D 179 32.79 3.45 23.09
C PRO D 179 33.86 3.42 21.99
N GLY D 180 34.12 4.59 21.41
CA GLY D 180 35.13 4.78 20.38
C GLY D 180 34.83 4.25 18.99
N GLN D 181 33.85 3.36 18.90
CA GLN D 181 33.43 2.74 17.65
C GLN D 181 32.30 3.53 16.97
N ALA D 182 32.10 3.30 15.67
CA ALA D 182 31.05 3.94 14.88
C ALA D 182 29.64 3.76 15.51
N PRO D 183 28.73 4.72 15.32
CA PRO D 183 27.37 4.58 15.90
C PRO D 183 26.48 3.57 15.16
N ARG D 184 26.25 2.41 15.79
CA ARG D 184 25.44 1.31 15.24
C ARG D 184 23.96 1.70 15.15
N LEU D 185 23.50 2.12 13.98
CA LEU D 185 22.11 2.51 13.75
C LEU D 185 21.13 1.39 14.16
N LEU D 186 20.06 1.72 14.89
CA LEU D 186 19.08 0.73 15.29
C LEU D 186 17.73 0.98 14.64
N ILE D 187 17.19 2.21 14.79
CA ILE D 187 15.88 2.53 14.25
C ILE D 187 15.96 3.67 13.27
N TYR D 188 15.64 3.42 12.00
CA TYR D 188 15.58 4.50 11.01
C TYR D 188 14.09 4.78 10.73
N GLY D 189 13.76 6.02 10.39
CA GLY D 189 12.39 6.41 10.11
C GLY D 189 11.46 6.28 11.30
N ALA D 190 12.01 6.45 12.52
CA ALA D 190 11.38 6.43 13.85
C ALA D 190 10.70 5.10 14.27
N SER D 191 10.42 4.17 13.36
CA SER D 191 9.76 2.91 13.73
C SER D 191 10.36 1.66 13.11
N SER D 192 11.13 1.81 12.04
CA SER D 192 11.70 0.66 11.34
C SER D 192 13.05 0.20 11.90
N ARG D 193 13.18 -1.12 12.15
CA ARG D 193 14.40 -1.74 12.67
C ARG D 193 15.41 -2.03 11.56
N ALA D 194 16.68 -1.68 11.76
CA ALA D 194 17.73 -1.96 10.77
C ALA D 194 18.05 -3.47 10.76
N THR D 195 18.74 -3.96 9.71
CA THR D 195 19.08 -5.39 9.64
C THR D 195 20.12 -5.76 10.72
N GLY D 196 19.69 -6.59 11.67
CA GLY D 196 20.53 -7.02 12.78
C GLY D 196 19.96 -6.63 14.14
N ILE D 197 19.26 -5.49 14.20
CA ILE D 197 18.68 -4.99 15.44
C ILE D 197 17.54 -5.88 15.90
N PRO D 198 17.63 -6.41 17.13
CA PRO D 198 16.59 -7.31 17.62
C PRO D 198 15.26 -6.61 17.87
N ASP D 199 14.18 -7.40 17.84
CA ASP D 199 12.81 -6.93 18.02
C ASP D 199 12.51 -6.27 19.37
N ARG D 200 13.46 -6.32 20.31
CA ARG D 200 13.30 -5.68 21.61
C ARG D 200 13.32 -4.14 21.54
N PHE D 201 13.82 -3.57 20.43
CA PHE D 201 13.88 -2.13 20.28
C PHE D 201 12.62 -1.55 19.65
N SER D 202 11.53 -1.47 20.44
CA SER D 202 10.28 -0.92 19.91
C SER D 202 10.25 0.62 19.90
N GLY D 203 11.14 1.22 19.12
CA GLY D 203 11.24 2.67 18.99
C GLY D 203 10.05 3.33 18.32
N SER D 204 9.39 4.27 19.04
CA SER D 204 8.22 5.02 18.60
C SER D 204 8.55 6.54 18.41
N GLY D 205 7.52 7.40 18.34
CA GLY D 205 7.72 8.85 18.20
C GLY D 205 7.38 9.46 16.85
N SER D 206 6.83 10.67 16.87
CA SER D 206 6.49 11.41 15.64
C SER D 206 6.15 12.86 15.93
N GLY D 207 6.59 13.76 15.07
CA GLY D 207 6.31 15.18 15.22
C GLY D 207 7.40 15.98 15.89
N THR D 208 7.29 16.17 17.21
CA THR D 208 8.26 16.90 18.03
C THR D 208 8.68 16.07 19.25
N ASP D 209 7.76 15.26 19.81
CA ASP D 209 8.05 14.41 20.96
C ASP D 209 8.24 12.95 20.50
N PHE D 210 9.50 12.52 20.35
CA PHE D 210 9.85 11.17 19.91
C PHE D 210 10.34 10.31 21.09
N THR D 211 10.32 8.99 20.94
CA THR D 211 10.72 8.08 22.02
C THR D 211 11.52 6.89 21.50
N LEU D 212 12.45 6.36 22.31
CA LEU D 212 13.15 5.11 21.98
C LEU D 212 12.78 4.14 23.09
N THR D 213 12.29 2.95 22.73
CA THR D 213 11.86 2.00 23.74
C THR D 213 12.63 0.69 23.64
N ILE D 214 12.93 0.09 24.80
CA ILE D 214 13.62 -1.19 24.92
C ILE D 214 12.83 -2.10 25.84
N ASN D 215 12.25 -3.17 25.29
CA ASN D 215 11.47 -4.11 26.08
C ASN D 215 12.37 -5.24 26.52
N GLY D 216 12.71 -5.27 27.79
CA GLY D 216 13.60 -6.28 28.34
C GLY D 216 15.06 -5.90 28.12
N LEU D 217 15.76 -5.55 29.19
CA LEU D 217 17.15 -5.14 29.09
C LEU D 217 18.12 -6.31 29.01
N GLU D 218 18.72 -6.51 27.85
CA GLU D 218 19.72 -7.55 27.67
C GLU D 218 21.06 -7.04 28.23
N PRO D 219 21.96 -7.94 28.65
CA PRO D 219 23.24 -7.49 29.21
C PRO D 219 24.06 -6.62 28.26
N GLU D 220 24.11 -7.00 26.99
CA GLU D 220 24.86 -6.28 25.96
C GLU D 220 24.26 -4.93 25.56
N ASP D 221 23.04 -4.62 26.01
CA ASP D 221 22.36 -3.37 25.66
C ASP D 221 22.98 -2.09 26.21
N PHE D 222 23.82 -2.18 27.24
CA PHE D 222 24.41 -0.99 27.85
C PHE D 222 25.32 -0.22 26.89
N ALA D 223 24.88 1.00 26.48
CA ALA D 223 25.57 1.93 25.57
C ALA D 223 24.89 3.33 25.57
N VAL D 224 25.54 4.37 24.97
CA VAL D 224 24.94 5.71 24.92
C VAL D 224 24.28 5.93 23.57
N TYR D 225 22.94 5.82 23.53
CA TYR D 225 22.10 5.96 22.34
C TYR D 225 21.89 7.40 21.87
N TYR D 226 21.79 7.65 20.55
CA TYR D 226 21.61 9.01 19.99
C TYR D 226 20.41 9.14 19.07
N CYS D 227 19.75 10.32 19.07
CA CYS D 227 18.66 10.56 18.15
C CYS D 227 19.13 11.56 17.11
N GLN D 228 18.98 11.21 15.84
CA GLN D 228 19.42 12.08 14.75
C GLN D 228 18.25 12.49 13.90
N GLN D 229 18.35 13.65 13.27
CA GLN D 229 17.35 14.09 12.31
C GLN D 229 18.04 14.28 10.95
N TYR D 230 17.47 13.67 9.91
CA TYR D 230 18.05 13.79 8.57
C TYR D 230 17.15 14.51 7.58
N GLY D 231 16.28 15.37 8.08
CA GLY D 231 15.35 16.15 7.28
C GLY D 231 16.02 17.40 6.73
N SER D 232 15.64 18.56 7.25
CA SER D 232 16.24 19.83 6.83
C SER D 232 17.75 19.92 7.15
N SER D 233 18.48 20.79 6.43
CA SER D 233 19.91 21.00 6.63
C SER D 233 20.11 22.14 7.63
N PRO D 234 21.01 22.01 8.64
CA PRO D 234 21.92 20.88 8.88
C PRO D 234 21.33 19.71 9.68
N ARG D 235 21.89 18.50 9.51
CA ARG D 235 21.40 17.33 10.24
C ARG D 235 21.84 17.41 11.70
N THR D 236 20.88 17.56 12.61
CA THR D 236 21.19 17.70 14.03
C THR D 236 21.14 16.34 14.78
N PHE D 237 21.71 16.30 16.00
CA PHE D 237 21.76 15.13 16.85
C PHE D 237 21.41 15.47 18.30
N GLY D 238 21.02 14.45 19.06
CA GLY D 238 20.72 14.61 20.49
C GLY D 238 21.99 14.49 21.31
N GLN D 239 21.87 14.75 22.62
CA GLN D 239 23.03 14.66 23.50
C GLN D 239 23.48 13.23 23.69
N GLY D 240 22.53 12.33 23.91
CA GLY D 240 22.84 10.93 24.12
C GLY D 240 22.37 10.42 25.46
N THR D 241 21.70 9.28 25.47
CA THR D 241 21.20 8.69 26.71
C THR D 241 22.04 7.46 27.09
N LYS D 242 22.72 7.54 28.22
CA LYS D 242 23.59 6.49 28.73
C LYS D 242 22.81 5.42 29.46
N VAL D 243 22.94 4.16 29.00
CA VAL D 243 22.28 3.04 29.66
C VAL D 243 23.37 2.22 30.33
N GLU D 244 23.29 2.06 31.65
CA GLU D 244 24.32 1.35 32.40
C GLU D 244 23.78 0.34 33.39
#